data_2RUU
#
_entry.id   2RUU
#
loop_
_entity.id
_entity.type
_entity.pdbx_description
1 polymer 'Zinc finger protein ZFAT'
2 non-polymer 'ZINC ION'
#
_entity_poly.entity_id   1
_entity_poly.type   'polypeptide(L)'
_entity_poly.pdbx_seq_one_letter_code
;GSSGSSGKPYKCPQCSYASAIKANLNVHLRKHTGEK
;
_entity_poly.pdbx_strand_id   A
#
loop_
_chem_comp.id
_chem_comp.type
_chem_comp.name
_chem_comp.formula
ZN non-polymer 'ZINC ION' 'Zn 2'
#
# COMPACT_ATOMS: atom_id res chain seq x y z
N GLY A 1 -25.89 0.87 -7.79
CA GLY A 1 -24.47 0.46 -7.78
C GLY A 1 -24.24 -0.72 -6.87
N SER A 2 -23.60 -1.78 -7.38
CA SER A 2 -23.45 -3.09 -6.69
C SER A 2 -21.98 -3.57 -6.59
N SER A 3 -21.01 -2.68 -6.82
CA SER A 3 -19.58 -2.99 -6.86
C SER A 3 -19.00 -3.44 -5.50
N GLY A 4 -18.04 -4.36 -5.54
CA GLY A 4 -17.26 -4.82 -4.37
C GLY A 4 -16.09 -3.90 -4.02
N SER A 5 -15.07 -4.46 -3.34
CA SER A 5 -13.80 -3.81 -3.04
C SER A 5 -12.90 -3.63 -4.29
N SER A 6 -11.79 -2.90 -4.13
CA SER A 6 -10.83 -2.62 -5.22
C SER A 6 -10.06 -3.87 -5.71
N GLY A 7 -9.96 -4.91 -4.88
CA GLY A 7 -9.18 -6.13 -5.16
C GLY A 7 -7.66 -5.94 -5.14
N LYS A 8 -7.15 -4.77 -4.73
CA LYS A 8 -5.72 -4.42 -4.73
C LYS A 8 -4.97 -5.19 -3.62
N PRO A 9 -3.99 -6.07 -3.95
CA PRO A 9 -3.39 -6.98 -2.98
C PRO A 9 -2.32 -6.33 -2.10
N TYR A 10 -1.56 -5.36 -2.63
CA TYR A 10 -0.44 -4.77 -1.92
C TYR A 10 -0.93 -3.63 -1.02
N LYS A 11 -1.16 -3.94 0.26
CA LYS A 11 -1.74 -3.01 1.26
C LYS A 11 -0.69 -2.53 2.28
N CYS A 12 -0.83 -1.29 2.74
CA CYS A 12 -0.01 -0.70 3.79
C CYS A 12 -0.29 -1.37 5.17
N PRO A 13 0.74 -1.65 5.98
CA PRO A 13 0.58 -2.16 7.35
C PRO A 13 0.14 -1.06 8.35
N GLN A 14 0.17 0.23 7.96
CA GLN A 14 -0.18 1.37 8.83
C GLN A 14 -1.39 2.18 8.33
N CYS A 15 -1.67 2.19 7.02
CA CYS A 15 -2.76 2.96 6.41
C CYS A 15 -3.86 2.06 5.81
N SER A 16 -4.92 2.69 5.30
CA SER A 16 -5.96 2.09 4.45
C SER A 16 -5.51 1.97 2.97
N TYR A 17 -4.28 2.41 2.66
CA TYR A 17 -3.68 2.41 1.33
C TYR A 17 -3.55 0.99 0.74
N ALA A 18 -3.90 0.84 -0.54
CA ALA A 18 -3.66 -0.35 -1.33
C ALA A 18 -3.28 -0.01 -2.78
N SER A 19 -2.48 -0.87 -3.41
CA SER A 19 -2.09 -0.77 -4.83
C SER A 19 -2.06 -2.14 -5.55
N ALA A 20 -2.06 -2.11 -6.88
CA ALA A 20 -1.97 -3.29 -7.75
C ALA A 20 -0.51 -3.70 -8.09
N ILE A 21 0.48 -2.93 -7.63
CA ILE A 21 1.91 -3.11 -7.92
C ILE A 21 2.72 -3.06 -6.61
N LYS A 22 3.64 -4.00 -6.42
CA LYS A 22 4.49 -4.11 -5.21
C LYS A 22 5.40 -2.89 -5.02
N ALA A 23 5.95 -2.36 -6.11
CA ALA A 23 6.81 -1.16 -6.11
C ALA A 23 6.07 0.13 -5.69
N ASN A 24 4.76 0.24 -5.96
CA ASN A 24 3.95 1.36 -5.48
C ASN A 24 3.82 1.34 -3.96
N LEU A 25 3.64 0.16 -3.36
CA LEU A 25 3.66 -0.03 -1.91
C LEU A 25 5.07 0.21 -1.33
N ASN A 26 6.13 -0.25 -2.01
CA ASN A 26 7.52 0.01 -1.62
C ASN A 26 7.79 1.52 -1.48
N VAL A 27 7.41 2.33 -2.47
CA VAL A 27 7.52 3.80 -2.39
C VAL A 27 6.68 4.39 -1.26
N HIS A 28 5.46 3.87 -1.03
CA HIS A 28 4.61 4.31 0.07
C HIS A 28 5.24 4.01 1.45
N LEU A 29 5.88 2.85 1.62
CA LEU A 29 6.55 2.44 2.86
C LEU A 29 7.83 3.20 3.16
N ARG A 30 8.51 3.74 2.14
CA ARG A 30 9.74 4.54 2.37
C ARG A 30 9.47 5.76 3.29
N LYS A 31 8.19 6.19 3.37
CA LYS A 31 7.67 7.23 4.25
C LYS A 31 7.37 6.73 5.67
N HIS A 32 7.17 5.42 5.86
CA HIS A 32 7.00 4.76 7.16
C HIS A 32 8.31 4.25 7.77
N THR A 33 9.29 3.82 6.96
CA THR A 33 10.58 3.25 7.44
C THR A 33 11.60 4.30 7.88
N GLY A 34 11.40 5.58 7.55
CA GLY A 34 12.25 6.69 7.98
C GLY A 34 11.67 8.07 7.65
N GLU A 35 12.24 9.12 8.27
CA GLU A 35 11.88 10.53 8.08
C GLU A 35 13.07 11.49 8.30
N LYS A 36 12.88 12.77 7.94
CA LYS A 36 13.86 13.87 8.06
C LYS A 36 15.24 13.53 7.46
ZN ZN B . 1.00 3.75 4.82
N GLY A 1 -23.12 -4.19 -13.47
CA GLY A 1 -22.35 -4.05 -14.72
C GLY A 1 -20.88 -4.40 -14.50
N SER A 2 -20.21 -4.91 -15.56
CA SER A 2 -18.82 -5.39 -15.57
C SER A 2 -18.53 -6.60 -14.65
N SER A 3 -17.38 -7.25 -14.86
CA SER A 3 -16.93 -8.44 -14.10
C SER A 3 -16.52 -8.11 -12.66
N GLY A 4 -16.65 -9.10 -11.76
CA GLY A 4 -16.17 -9.02 -10.37
C GLY A 4 -14.64 -9.04 -10.23
N SER A 5 -14.14 -8.69 -9.05
CA SER A 5 -12.70 -8.64 -8.72
C SER A 5 -12.43 -8.95 -7.25
N SER A 6 -11.26 -9.52 -6.96
CA SER A 6 -10.71 -9.72 -5.61
C SER A 6 -10.05 -8.46 -5.01
N GLY A 7 -9.90 -7.39 -5.81
CA GLY A 7 -9.33 -6.11 -5.38
C GLY A 7 -7.79 -6.08 -5.33
N LYS A 8 -7.24 -4.95 -4.85
CA LYS A 8 -5.79 -4.67 -4.79
C LYS A 8 -5.11 -5.54 -3.71
N PRO A 9 -4.05 -6.31 -4.04
CA PRO A 9 -3.41 -7.24 -3.11
C PRO A 9 -2.38 -6.57 -2.19
N TYR A 10 -1.64 -5.59 -2.69
CA TYR A 10 -0.55 -4.95 -1.94
C TYR A 10 -1.12 -3.82 -1.06
N LYS A 11 -1.06 -3.97 0.27
CA LYS A 11 -1.65 -3.02 1.24
C LYS A 11 -0.67 -2.57 2.32
N CYS A 12 -0.83 -1.33 2.79
CA CYS A 12 -0.01 -0.75 3.86
C CYS A 12 -0.34 -1.40 5.23
N PRO A 13 0.67 -1.71 6.06
CA PRO A 13 0.48 -2.19 7.44
C PRO A 13 0.04 -1.09 8.42
N GLN A 14 0.09 0.19 8.03
CA GLN A 14 -0.26 1.34 8.88
C GLN A 14 -1.45 2.18 8.37
N CYS A 15 -1.72 2.18 7.06
CA CYS A 15 -2.79 2.97 6.42
C CYS A 15 -3.89 2.09 5.79
N SER A 16 -4.93 2.76 5.27
CA SER A 16 -5.95 2.14 4.39
C SER A 16 -5.48 2.07 2.92
N TYR A 17 -4.21 2.44 2.64
CA TYR A 17 -3.59 2.43 1.31
C TYR A 17 -3.51 1.03 0.71
N ALA A 18 -3.85 0.91 -0.57
CA ALA A 18 -3.65 -0.28 -1.39
C ALA A 18 -3.23 0.07 -2.83
N SER A 19 -2.47 -0.83 -3.47
CA SER A 19 -2.12 -0.75 -4.90
C SER A 19 -2.10 -2.12 -5.59
N ALA A 20 -2.19 -2.12 -6.92
CA ALA A 20 -1.99 -3.29 -7.78
C ALA A 20 -0.50 -3.58 -8.08
N ILE A 21 0.42 -2.71 -7.61
CA ILE A 21 1.86 -2.79 -7.89
C ILE A 21 2.66 -2.79 -6.58
N LYS A 22 3.53 -3.79 -6.39
CA LYS A 22 4.37 -3.96 -5.18
C LYS A 22 5.36 -2.81 -4.98
N ALA A 23 5.95 -2.31 -6.06
CA ALA A 23 6.87 -1.17 -6.05
C ALA A 23 6.20 0.14 -5.57
N ASN A 24 4.91 0.32 -5.86
CA ASN A 24 4.16 1.50 -5.42
C ASN A 24 3.94 1.46 -3.89
N LEU A 25 3.63 0.28 -3.34
CA LEU A 25 3.63 0.05 -1.89
C LEU A 25 5.01 0.23 -1.27
N ASN A 26 6.10 -0.22 -1.94
CA ASN A 26 7.46 -0.01 -1.45
C ASN A 26 7.78 1.49 -1.30
N VAL A 27 7.46 2.32 -2.29
CA VAL A 27 7.61 3.79 -2.19
C VAL A 27 6.73 4.38 -1.10
N HIS A 28 5.51 3.87 -0.91
CA HIS A 28 4.64 4.30 0.18
C HIS A 28 5.24 3.95 1.57
N LEU A 29 5.84 2.77 1.72
CA LEU A 29 6.53 2.33 2.94
C LEU A 29 7.84 3.06 3.19
N ARG A 30 8.52 3.55 2.15
CA ARG A 30 9.75 4.33 2.35
C ARG A 30 9.50 5.60 3.19
N LYS A 31 8.26 6.08 3.21
CA LYS A 31 7.78 7.18 4.06
C LYS A 31 7.53 6.73 5.52
N HIS A 32 7.20 5.46 5.74
CA HIS A 32 7.07 4.86 7.08
C HIS A 32 8.42 4.43 7.68
N THR A 33 9.39 3.97 6.88
CA THR A 33 10.71 3.52 7.34
C THR A 33 11.72 4.67 7.49
N GLY A 34 11.58 5.75 6.71
CA GLY A 34 12.38 6.97 6.85
C GLY A 34 12.07 7.74 8.15
N GLU A 35 13.07 8.45 8.69
CA GLU A 35 12.98 9.23 9.92
C GLU A 35 13.91 10.47 9.92
N LYS A 36 13.64 11.43 10.82
CA LYS A 36 14.42 12.66 11.04
C LYS A 36 14.66 12.93 12.53
ZN ZN B . 1.03 3.70 4.93
N GLY A 1 -15.82 9.40 -2.87
CA GLY A 1 -16.07 8.78 -4.19
C GLY A 1 -14.93 9.06 -5.17
N SER A 2 -15.21 8.96 -6.48
CA SER A 2 -14.26 9.20 -7.59
C SER A 2 -12.97 8.35 -7.50
N SER A 3 -13.09 7.10 -7.05
CA SER A 3 -11.99 6.15 -6.81
C SER A 3 -12.34 4.73 -7.25
N GLY A 4 -11.32 3.91 -7.53
CA GLY A 4 -11.47 2.51 -7.96
C GLY A 4 -11.90 1.56 -6.84
N SER A 5 -12.69 0.54 -7.19
CA SER A 5 -13.28 -0.45 -6.26
C SER A 5 -12.63 -1.86 -6.33
N SER A 6 -11.57 -2.03 -7.13
CA SER A 6 -10.89 -3.31 -7.36
C SER A 6 -10.15 -3.83 -6.11
N GLY A 7 -10.03 -5.16 -5.99
CA GLY A 7 -9.38 -5.86 -4.88
C GLY A 7 -7.85 -5.81 -4.93
N LYS A 8 -7.28 -4.61 -4.80
CA LYS A 8 -5.83 -4.33 -4.81
C LYS A 8 -5.09 -5.13 -3.71
N PRO A 9 -4.10 -5.98 -4.05
CA PRO A 9 -3.50 -6.92 -3.10
C PRO A 9 -2.41 -6.30 -2.22
N TYR A 10 -1.65 -5.33 -2.72
CA TYR A 10 -0.51 -4.76 -2.00
C TYR A 10 -0.99 -3.63 -1.07
N LYS A 11 -1.19 -3.94 0.21
CA LYS A 11 -1.77 -3.03 1.22
C LYS A 11 -0.75 -2.59 2.28
N CYS A 12 -0.86 -1.35 2.75
CA CYS A 12 -0.04 -0.80 3.81
C CYS A 12 -0.34 -1.49 5.17
N PRO A 13 0.68 -1.83 5.98
CA PRO A 13 0.51 -2.37 7.32
C PRO A 13 0.06 -1.32 8.35
N GLN A 14 0.09 -0.02 8.00
CA GLN A 14 -0.30 1.08 8.90
C GLN A 14 -1.48 1.94 8.40
N CYS A 15 -1.69 2.02 7.08
CA CYS A 15 -2.77 2.82 6.45
C CYS A 15 -3.88 1.96 5.83
N SER A 16 -4.93 2.63 5.34
CA SER A 16 -5.96 2.06 4.46
C SER A 16 -5.50 1.97 2.99
N TYR A 17 -4.25 2.39 2.70
CA TYR A 17 -3.64 2.41 1.37
C TYR A 17 -3.53 1.01 0.74
N ALA A 18 -3.87 0.92 -0.54
CA ALA A 18 -3.70 -0.27 -1.38
C ALA A 18 -3.26 0.08 -2.81
N SER A 19 -2.48 -0.80 -3.44
CA SER A 19 -2.07 -0.69 -4.84
C SER A 19 -2.05 -2.04 -5.57
N ALA A 20 -2.03 -1.98 -6.91
CA ALA A 20 -1.96 -3.14 -7.80
C ALA A 20 -0.51 -3.58 -8.13
N ILE A 21 0.50 -2.84 -7.63
CA ILE A 21 1.93 -3.05 -7.90
C ILE A 21 2.71 -3.04 -6.58
N LYS A 22 3.63 -4.01 -6.39
CA LYS A 22 4.45 -4.13 -5.17
C LYS A 22 5.38 -2.93 -4.95
N ALA A 23 5.96 -2.41 -6.03
CA ALA A 23 6.84 -1.23 -5.99
C ALA A 23 6.12 0.06 -5.55
N ASN A 24 4.82 0.21 -5.86
CA ASN A 24 4.03 1.35 -5.37
C ASN A 24 3.88 1.30 -3.84
N LEU A 25 3.66 0.12 -3.26
CA LEU A 25 3.66 -0.08 -1.81
C LEU A 25 5.07 0.11 -1.21
N ASN A 26 6.12 -0.34 -1.89
CA ASN A 26 7.52 -0.12 -1.48
C ASN A 26 7.81 1.39 -1.33
N VAL A 27 7.45 2.21 -2.32
CA VAL A 27 7.57 3.68 -2.24
C VAL A 27 6.71 4.27 -1.11
N HIS A 28 5.50 3.77 -0.91
CA HIS A 28 4.64 4.21 0.20
C HIS A 28 5.26 3.91 1.58
N LEU A 29 5.89 2.74 1.74
CA LEU A 29 6.59 2.34 2.97
C LEU A 29 7.90 3.09 3.21
N ARG A 30 8.55 3.59 2.14
CA ARG A 30 9.77 4.39 2.32
C ARG A 30 9.51 5.68 3.11
N LYS A 31 8.25 6.14 3.14
CA LYS A 31 7.75 7.22 4.01
C LYS A 31 7.61 6.74 5.46
N HIS A 32 7.17 5.51 5.69
CA HIS A 32 7.06 4.91 7.03
C HIS A 32 8.41 4.56 7.66
N THR A 33 9.43 4.21 6.87
CA THR A 33 10.81 4.08 7.38
C THR A 33 11.51 5.44 7.53
N GLY A 34 11.12 6.44 6.72
CA GLY A 34 11.69 7.79 6.72
C GLY A 34 11.12 8.78 7.76
N GLU A 35 9.94 8.52 8.34
CA GLU A 35 9.26 9.45 9.28
C GLU A 35 9.80 9.43 10.72
N LYS A 36 10.83 8.61 10.99
CA LYS A 36 11.51 8.45 12.29
C LYS A 36 13.04 8.51 12.20
ZN ZN B . 1.03 3.62 4.95
N GLY A 1 -12.90 -3.63 -6.81
CA GLY A 1 -13.71 -3.58 -5.57
C GLY A 1 -14.01 -4.97 -5.04
N SER A 2 -15.16 -5.14 -4.38
CA SER A 2 -15.58 -6.38 -3.70
C SER A 2 -16.54 -7.27 -4.50
N SER A 3 -17.23 -6.70 -5.50
CA SER A 3 -18.24 -7.38 -6.34
C SER A 3 -18.02 -7.04 -7.83
N GLY A 4 -18.15 -8.05 -8.70
CA GLY A 4 -17.97 -7.92 -10.16
C GLY A 4 -16.55 -7.56 -10.61
N SER A 5 -15.58 -7.52 -9.69
CA SER A 5 -14.21 -7.02 -9.88
C SER A 5 -13.26 -7.58 -8.81
N SER A 6 -11.95 -7.42 -9.01
CA SER A 6 -10.89 -7.82 -8.07
C SER A 6 -10.48 -6.71 -7.09
N GLY A 7 -9.90 -7.09 -5.95
CA GLY A 7 -9.30 -6.19 -4.96
C GLY A 7 -7.79 -5.96 -5.20
N LYS A 8 -7.25 -4.86 -4.66
CA LYS A 8 -5.81 -4.53 -4.70
C LYS A 8 -5.04 -5.32 -3.62
N PRO A 9 -4.03 -6.14 -3.97
CA PRO A 9 -3.40 -7.06 -3.03
C PRO A 9 -2.32 -6.40 -2.15
N TYR A 10 -1.58 -5.42 -2.68
CA TYR A 10 -0.46 -4.80 -1.97
C TYR A 10 -0.96 -3.67 -1.05
N LYS A 11 -1.11 -3.95 0.24
CA LYS A 11 -1.69 -3.03 1.24
C LYS A 11 -0.68 -2.57 2.29
N CYS A 12 -0.83 -1.32 2.76
CA CYS A 12 0.00 -0.74 3.82
C CYS A 12 -0.33 -1.39 5.20
N PRO A 13 0.70 -1.71 6.03
CA PRO A 13 0.50 -2.16 7.40
C PRO A 13 0.08 -1.03 8.37
N GLN A 14 0.19 0.24 7.95
CA GLN A 14 -0.09 1.42 8.77
C GLN A 14 -1.37 2.18 8.34
N CYS A 15 -1.69 2.16 7.05
CA CYS A 15 -2.78 2.94 6.42
C CYS A 15 -3.87 2.05 5.79
N SER A 16 -4.93 2.71 5.29
CA SER A 16 -5.95 2.11 4.42
C SER A 16 -5.49 2.01 2.95
N TYR A 17 -4.24 2.41 2.66
CA TYR A 17 -3.62 2.41 1.33
C TYR A 17 -3.53 1.00 0.72
N ALA A 18 -3.87 0.89 -0.56
CA ALA A 18 -3.70 -0.31 -1.37
C ALA A 18 -3.27 0.03 -2.81
N SER A 19 -2.50 -0.85 -3.46
CA SER A 19 -2.10 -0.76 -4.87
C SER A 19 -2.10 -2.13 -5.57
N ALA A 20 -2.12 -2.10 -6.90
CA ALA A 20 -2.01 -3.27 -7.79
C ALA A 20 -0.56 -3.66 -8.11
N ILE A 21 0.43 -2.88 -7.63
CA ILE A 21 1.86 -3.04 -7.92
C ILE A 21 2.67 -3.00 -6.61
N LYS A 22 3.61 -3.95 -6.42
CA LYS A 22 4.47 -4.03 -5.23
C LYS A 22 5.41 -2.83 -5.08
N ALA A 23 5.96 -2.33 -6.19
CA ALA A 23 6.84 -1.17 -6.23
C ALA A 23 6.18 0.11 -5.68
N ASN A 24 4.88 0.29 -5.93
CA ASN A 24 4.09 1.43 -5.42
C ASN A 24 3.96 1.37 -3.89
N LEU A 25 3.68 0.19 -3.33
CA LEU A 25 3.66 -0.02 -1.88
C LEU A 25 5.06 0.18 -1.28
N ASN A 26 6.13 -0.25 -1.95
CA ASN A 26 7.51 0.01 -1.55
C ASN A 26 7.78 1.52 -1.37
N VAL A 27 7.41 2.36 -2.35
CA VAL A 27 7.56 3.82 -2.24
C VAL A 27 6.68 4.40 -1.12
N HIS A 28 5.46 3.88 -0.93
CA HIS A 28 4.60 4.29 0.17
C HIS A 28 5.20 3.95 1.55
N LEU A 29 5.83 2.78 1.70
CA LEU A 29 6.51 2.35 2.93
C LEU A 29 7.81 3.11 3.21
N ARG A 30 8.49 3.60 2.17
CA ARG A 30 9.72 4.39 2.38
C ARG A 30 9.47 5.64 3.24
N LYS A 31 8.21 6.10 3.28
CA LYS A 31 7.72 7.19 4.15
C LYS A 31 7.45 6.73 5.59
N HIS A 32 7.17 5.44 5.81
CA HIS A 32 7.02 4.85 7.14
C HIS A 32 8.35 4.37 7.75
N THR A 33 9.31 3.91 6.94
CA THR A 33 10.63 3.44 7.41
C THR A 33 11.62 4.58 7.68
N GLY A 34 11.50 5.71 6.98
CA GLY A 34 12.25 6.94 7.26
C GLY A 34 11.83 7.60 8.58
N GLU A 35 12.80 8.03 9.38
CA GLU A 35 12.59 8.58 10.74
C GLU A 35 12.83 10.10 10.87
N LYS A 36 13.20 10.76 9.76
CA LYS A 36 13.45 12.21 9.62
C LYS A 36 12.79 12.77 8.35
ZN ZN B . 0.99 3.73 4.84
N GLY A 1 -10.39 -17.16 -6.32
CA GLY A 1 -10.05 -15.91 -5.62
C GLY A 1 -10.08 -16.08 -4.11
N SER A 2 -9.26 -15.30 -3.39
CA SER A 2 -9.15 -15.35 -1.92
C SER A 2 -10.39 -14.79 -1.20
N SER A 3 -10.67 -15.32 0.00
CA SER A 3 -11.82 -14.90 0.84
C SER A 3 -11.43 -13.96 2.00
N GLY A 4 -10.17 -14.06 2.50
CA GLY A 4 -9.68 -13.27 3.64
C GLY A 4 -9.24 -11.84 3.29
N SER A 5 -9.03 -11.54 2.00
CA SER A 5 -8.70 -10.21 1.44
C SER A 5 -9.22 -10.08 0.01
N SER A 6 -9.51 -8.85 -0.41
CA SER A 6 -10.07 -8.53 -1.74
C SER A 6 -9.54 -7.19 -2.28
N GLY A 7 -9.85 -6.88 -3.55
CA GLY A 7 -9.40 -5.68 -4.26
C GLY A 7 -7.90 -5.67 -4.55
N LYS A 8 -7.29 -4.47 -4.53
CA LYS A 8 -5.84 -4.25 -4.70
C LYS A 8 -5.05 -5.03 -3.63
N PRO A 9 -4.10 -5.92 -4.00
CA PRO A 9 -3.49 -6.86 -3.07
C PRO A 9 -2.39 -6.26 -2.18
N TYR A 10 -1.62 -5.29 -2.71
CA TYR A 10 -0.48 -4.74 -1.97
C TYR A 10 -0.93 -3.61 -1.05
N LYS A 11 -1.22 -3.96 0.21
CA LYS A 11 -1.79 -3.07 1.24
C LYS A 11 -0.73 -2.61 2.27
N CYS A 12 -0.87 -1.37 2.74
CA CYS A 12 -0.04 -0.81 3.81
C CYS A 12 -0.35 -1.47 5.17
N PRO A 13 0.68 -1.78 5.99
CA PRO A 13 0.51 -2.29 7.36
C PRO A 13 0.08 -1.21 8.35
N GLN A 14 0.13 0.09 7.98
CA GLN A 14 -0.23 1.22 8.85
C GLN A 14 -1.43 2.05 8.36
N CYS A 15 -1.71 2.08 7.05
CA CYS A 15 -2.79 2.86 6.43
C CYS A 15 -3.89 1.98 5.79
N SER A 16 -4.94 2.64 5.32
CA SER A 16 -5.97 2.05 4.44
C SER A 16 -5.52 1.96 2.96
N TYR A 17 -4.27 2.37 2.67
CA TYR A 17 -3.65 2.38 1.34
C TYR A 17 -3.54 0.96 0.75
N ALA A 18 -3.89 0.81 -0.53
CA ALA A 18 -3.65 -0.38 -1.33
C ALA A 18 -3.26 -0.03 -2.79
N SER A 19 -2.44 -0.88 -3.42
CA SER A 19 -2.04 -0.75 -4.83
C SER A 19 -2.02 -2.11 -5.55
N ALA A 20 -2.01 -2.07 -6.89
CA ALA A 20 -1.91 -3.23 -7.77
C ALA A 20 -0.46 -3.65 -8.09
N ILE A 21 0.54 -2.89 -7.60
CA ILE A 21 1.97 -3.09 -7.87
C ILE A 21 2.76 -3.04 -6.56
N LYS A 22 3.70 -3.98 -6.37
CA LYS A 22 4.53 -4.09 -5.15
C LYS A 22 5.47 -2.88 -4.96
N ALA A 23 6.02 -2.35 -6.05
CA ALA A 23 6.87 -1.16 -6.05
C ALA A 23 6.14 0.12 -5.58
N ASN A 24 4.84 0.25 -5.88
CA ASN A 24 4.03 1.37 -5.39
C ASN A 24 3.89 1.33 -3.86
N LEU A 25 3.66 0.14 -3.29
CA LEU A 25 3.67 -0.07 -1.85
C LEU A 25 5.06 0.15 -1.25
N ASN A 26 6.13 -0.28 -1.92
CA ASN A 26 7.51 -0.02 -1.45
C ASN A 26 7.78 1.50 -1.32
N VAL A 27 7.43 2.31 -2.32
CA VAL A 27 7.55 3.78 -2.24
C VAL A 27 6.65 4.37 -1.15
N HIS A 28 5.45 3.83 -0.94
CA HIS A 28 4.58 4.25 0.16
C HIS A 28 5.20 3.93 1.54
N LEU A 29 5.82 2.75 1.69
CA LEU A 29 6.55 2.35 2.91
C LEU A 29 7.84 3.11 3.13
N ARG A 30 8.49 3.61 2.06
CA ARG A 30 9.71 4.42 2.20
C ARG A 30 9.46 5.72 2.99
N LYS A 31 8.18 6.13 3.12
CA LYS A 31 7.70 7.21 4.00
C LYS A 31 7.46 6.75 5.45
N HIS A 32 7.18 5.47 5.68
CA HIS A 32 7.05 4.88 7.03
C HIS A 32 8.40 4.47 7.66
N THR A 33 9.40 4.09 6.85
CA THR A 33 10.72 3.63 7.33
C THR A 33 11.63 4.74 7.89
N GLY A 34 11.30 6.02 7.64
CA GLY A 34 12.02 7.17 8.20
C GLY A 34 11.33 8.52 7.91
N GLU A 35 11.42 9.45 8.86
CA GLU A 35 10.84 10.79 8.79
C GLU A 35 11.69 11.81 9.59
N LYS A 36 11.77 13.06 9.10
CA LYS A 36 12.48 14.19 9.74
C LYS A 36 11.73 15.51 9.52
ZN ZN B . 0.99 3.64 4.91
N GLY A 1 -11.31 2.13 12.92
CA GLY A 1 -12.06 2.97 11.96
C GLY A 1 -12.82 2.13 10.94
N SER A 2 -13.92 2.65 10.41
CA SER A 2 -14.84 1.94 9.49
C SER A 2 -14.37 1.89 8.02
N SER A 3 -13.35 2.66 7.66
CA SER A 3 -12.79 2.76 6.29
C SER A 3 -12.10 1.46 5.82
N GLY A 4 -12.00 1.28 4.51
CA GLY A 4 -11.37 0.10 3.88
C GLY A 4 -11.10 0.28 2.38
N SER A 5 -10.59 -0.79 1.75
CA SER A 5 -10.15 -0.82 0.34
C SER A 5 -10.38 -2.20 -0.30
N SER A 6 -10.53 -2.26 -1.64
CA SER A 6 -10.81 -3.49 -2.39
C SER A 6 -10.17 -3.48 -3.79
N GLY A 7 -10.03 -4.66 -4.41
CA GLY A 7 -9.51 -4.86 -5.77
C GLY A 7 -7.99 -4.70 -5.95
N LYS A 8 -7.25 -4.43 -4.86
CA LYS A 8 -5.80 -4.15 -4.83
C LYS A 8 -5.11 -4.97 -3.73
N PRO A 9 -4.17 -5.87 -4.06
CA PRO A 9 -3.60 -6.84 -3.10
C PRO A 9 -2.49 -6.26 -2.21
N TYR A 10 -1.69 -5.33 -2.73
CA TYR A 10 -0.54 -4.80 -2.01
C TYR A 10 -0.97 -3.67 -1.07
N LYS A 11 -1.15 -3.98 0.22
CA LYS A 11 -1.69 -3.04 1.23
C LYS A 11 -0.66 -2.62 2.27
N CYS A 12 -0.80 -1.38 2.75
CA CYS A 12 0.01 -0.81 3.83
C CYS A 12 -0.31 -1.48 5.19
N PRO A 13 0.71 -1.79 6.03
CA PRO A 13 0.51 -2.26 7.39
C PRO A 13 0.10 -1.14 8.37
N GLN A 14 0.22 0.13 7.95
CA GLN A 14 -0.06 1.31 8.80
C GLN A 14 -1.34 2.07 8.37
N CYS A 15 -1.67 2.05 7.08
CA CYS A 15 -2.76 2.82 6.47
C CYS A 15 -3.86 1.92 5.84
N SER A 16 -4.93 2.57 5.37
CA SER A 16 -5.95 1.94 4.49
C SER A 16 -5.46 1.83 3.03
N TYR A 17 -4.25 2.30 2.73
CA TYR A 17 -3.64 2.35 1.40
C TYR A 17 -3.51 0.96 0.76
N ALA A 18 -3.83 0.88 -0.53
CA ALA A 18 -3.66 -0.31 -1.36
C ALA A 18 -3.20 0.07 -2.79
N SER A 19 -2.44 -0.81 -3.44
CA SER A 19 -2.04 -0.70 -4.84
C SER A 19 -2.04 -2.05 -5.58
N ALA A 20 -2.02 -1.99 -6.91
CA ALA A 20 -1.94 -3.15 -7.81
C ALA A 20 -0.49 -3.60 -8.12
N ILE A 21 0.52 -2.87 -7.62
CA ILE A 21 1.94 -3.09 -7.88
C ILE A 21 2.73 -3.05 -6.56
N LYS A 22 3.65 -4.01 -6.36
CA LYS A 22 4.48 -4.12 -5.15
C LYS A 22 5.43 -2.93 -4.95
N ALA A 23 6.00 -2.42 -6.04
CA ALA A 23 6.88 -1.24 -6.03
C ALA A 23 6.16 0.04 -5.57
N ASN A 24 4.87 0.21 -5.87
CA ASN A 24 4.07 1.33 -5.40
C ASN A 24 3.90 1.28 -3.87
N LEU A 25 3.68 0.09 -3.30
CA LEU A 25 3.66 -0.11 -1.85
C LEU A 25 5.06 0.10 -1.23
N ASN A 26 6.13 -0.33 -1.89
CA ASN A 26 7.51 -0.10 -1.42
C ASN A 26 7.79 1.41 -1.29
N VAL A 27 7.46 2.22 -2.30
CA VAL A 27 7.59 3.70 -2.24
C VAL A 27 6.69 4.31 -1.15
N HIS A 28 5.48 3.77 -0.95
CA HIS A 28 4.62 4.22 0.15
C HIS A 28 5.22 3.90 1.53
N LEU A 29 5.82 2.71 1.71
CA LEU A 29 6.49 2.31 2.95
C LEU A 29 7.79 3.07 3.20
N ARG A 30 8.47 3.56 2.16
CA ARG A 30 9.67 4.38 2.36
C ARG A 30 9.36 5.63 3.20
N LYS A 31 8.09 6.10 3.19
CA LYS A 31 7.58 7.21 4.00
C LYS A 31 7.28 6.80 5.45
N HIS A 32 7.09 5.51 5.72
CA HIS A 32 7.00 4.96 7.08
C HIS A 32 8.37 4.62 7.69
N THR A 33 9.36 4.22 6.88
CA THR A 33 10.73 3.88 7.33
C THR A 33 11.71 5.06 7.31
N GLY A 34 11.42 6.12 6.53
CA GLY A 34 12.28 7.29 6.35
C GLY A 34 11.58 8.41 5.54
N GLU A 35 12.32 9.05 4.63
CA GLU A 35 11.86 10.15 3.75
C GLU A 35 11.28 11.38 4.48
N LYS A 36 11.67 11.59 5.75
CA LYS A 36 11.25 12.71 6.61
C LYS A 36 11.98 14.02 6.27
ZN ZN B . 1.00 3.66 4.88
N GLY A 1 -21.94 6.38 -2.97
CA GLY A 1 -20.92 5.34 -3.22
C GLY A 1 -21.01 4.21 -2.20
N SER A 2 -19.93 3.43 -2.06
CA SER A 2 -19.82 2.29 -1.13
C SER A 2 -18.38 2.10 -0.61
N SER A 3 -18.21 1.22 0.38
CA SER A 3 -16.91 0.88 0.98
C SER A 3 -16.05 -0.11 0.15
N GLY A 4 -16.50 -0.50 -1.04
CA GLY A 4 -15.81 -1.44 -1.93
C GLY A 4 -14.52 -0.89 -2.57
N SER A 5 -13.72 -1.80 -3.15
CA SER A 5 -12.44 -1.50 -3.83
C SER A 5 -12.22 -2.39 -5.06
N SER A 6 -11.14 -2.14 -5.81
CA SER A 6 -10.76 -2.92 -7.00
C SER A 6 -10.19 -4.32 -6.69
N GLY A 7 -10.05 -4.70 -5.42
CA GLY A 7 -9.37 -5.93 -4.99
C GLY A 7 -7.83 -5.86 -5.02
N LYS A 8 -7.27 -4.64 -4.90
CA LYS A 8 -5.81 -4.36 -4.88
C LYS A 8 -5.11 -5.15 -3.76
N PRO A 9 -4.11 -6.01 -4.07
CA PRO A 9 -3.55 -6.96 -3.09
C PRO A 9 -2.46 -6.35 -2.20
N TYR A 10 -1.67 -5.41 -2.72
CA TYR A 10 -0.53 -4.84 -1.99
C TYR A 10 -1.00 -3.70 -1.08
N LYS A 11 -1.17 -3.98 0.21
CA LYS A 11 -1.74 -3.05 1.21
C LYS A 11 -0.72 -2.62 2.27
N CYS A 12 -0.85 -1.38 2.73
CA CYS A 12 -0.02 -0.83 3.82
C CYS A 12 -0.35 -1.51 5.17
N PRO A 13 0.66 -1.86 5.98
CA PRO A 13 0.47 -2.38 7.33
C PRO A 13 0.02 -1.30 8.34
N GLN A 14 0.08 -0.02 7.97
CA GLN A 14 -0.21 1.13 8.84
C GLN A 14 -1.39 2.01 8.36
N CYS A 15 -1.70 2.01 7.06
CA CYS A 15 -2.78 2.80 6.44
C CYS A 15 -3.88 1.93 5.79
N SER A 16 -4.92 2.60 5.31
CA SER A 16 -5.95 2.02 4.42
C SER A 16 -5.48 1.96 2.95
N TYR A 17 -4.23 2.36 2.67
CA TYR A 17 -3.60 2.37 1.35
C TYR A 17 -3.53 0.96 0.73
N ALA A 18 -3.86 0.87 -0.57
CA ALA A 18 -3.69 -0.32 -1.39
C ALA A 18 -3.25 0.03 -2.82
N SER A 19 -2.50 -0.85 -3.47
CA SER A 19 -2.12 -0.75 -4.89
C SER A 19 -2.10 -2.12 -5.60
N ALA A 20 -2.16 -2.09 -6.94
CA ALA A 20 -1.97 -3.24 -7.82
C ALA A 20 -0.48 -3.54 -8.10
N ILE A 21 0.45 -2.71 -7.62
CA ILE A 21 1.90 -2.80 -7.87
C ILE A 21 2.66 -2.83 -6.53
N LYS A 22 3.49 -3.86 -6.32
CA LYS A 22 4.28 -4.06 -5.09
C LYS A 22 5.31 -2.94 -4.86
N ALA A 23 5.92 -2.44 -5.93
CA ALA A 23 6.87 -1.32 -5.89
C ALA A 23 6.22 0.02 -5.47
N ASN A 24 4.92 0.21 -5.75
CA ASN A 24 4.19 1.40 -5.32
C ASN A 24 3.98 1.38 -3.79
N LEU A 25 3.68 0.21 -3.22
CA LEU A 25 3.67 -0.01 -1.78
C LEU A 25 5.07 0.15 -1.17
N ASN A 26 6.12 -0.33 -1.83
CA ASN A 26 7.51 -0.13 -1.40
C ASN A 26 7.84 1.37 -1.25
N VAL A 27 7.50 2.20 -2.25
CA VAL A 27 7.65 3.67 -2.17
C VAL A 27 6.77 4.28 -1.07
N HIS A 28 5.54 3.78 -0.87
CA HIS A 28 4.69 4.24 0.23
C HIS A 28 5.29 3.95 1.61
N LEU A 29 5.92 2.78 1.79
CA LEU A 29 6.61 2.39 3.03
C LEU A 29 7.90 3.17 3.27
N ARG A 30 8.58 3.63 2.21
CA ARG A 30 9.79 4.46 2.37
C ARG A 30 9.50 5.78 3.10
N LYS A 31 8.22 6.20 3.14
CA LYS A 31 7.71 7.34 3.93
C LYS A 31 7.45 6.96 5.39
N HIS A 32 7.14 5.69 5.68
CA HIS A 32 7.01 5.19 7.06
C HIS A 32 8.36 4.87 7.72
N THR A 33 9.35 4.36 6.97
CA THR A 33 10.70 4.04 7.48
C THR A 33 11.79 4.15 6.41
N GLY A 34 12.98 4.58 6.83
CA GLY A 34 14.18 4.73 5.98
C GLY A 34 15.48 4.82 6.81
N GLU A 35 15.50 4.20 8.00
CA GLU A 35 16.58 4.35 8.98
C GLU A 35 17.82 3.50 8.65
N LYS A 36 18.99 3.94 9.14
CA LYS A 36 20.31 3.29 8.98
C LYS A 36 21.21 3.44 10.22
ZN ZN B . 1.02 3.61 4.97
N GLY A 1 -10.98 11.47 -2.02
CA GLY A 1 -11.13 10.05 -2.41
C GLY A 1 -10.36 9.13 -1.46
N SER A 2 -10.79 7.87 -1.35
CA SER A 2 -10.18 6.86 -0.48
C SER A 2 -8.78 6.43 -0.93
N SER A 3 -7.91 6.05 0.02
CA SER A 3 -6.51 5.67 -0.22
C SER A 3 -6.32 4.32 -0.93
N GLY A 4 -7.35 3.48 -0.97
CA GLY A 4 -7.33 2.15 -1.58
C GLY A 4 -8.64 1.37 -1.42
N SER A 5 -8.66 0.16 -1.98
CA SER A 5 -9.77 -0.80 -1.90
C SER A 5 -9.25 -2.21 -1.57
N SER A 6 -10.00 -2.98 -0.78
CA SER A 6 -9.53 -4.26 -0.20
C SER A 6 -9.15 -5.34 -1.22
N GLY A 7 -9.69 -5.28 -2.44
CA GLY A 7 -9.39 -6.21 -3.54
C GLY A 7 -8.01 -6.03 -4.19
N LYS A 8 -7.34 -4.89 -3.99
CA LYS A 8 -5.93 -4.68 -4.36
C LYS A 8 -5.02 -5.40 -3.36
N PRO A 9 -4.02 -6.20 -3.81
CA PRO A 9 -3.28 -7.09 -2.93
C PRO A 9 -2.21 -6.38 -2.10
N TYR A 10 -1.51 -5.40 -2.67
CA TYR A 10 -0.38 -4.74 -2.00
C TYR A 10 -0.88 -3.61 -1.09
N LYS A 11 -1.09 -3.92 0.19
CA LYS A 11 -1.71 -3.07 1.20
C LYS A 11 -0.73 -2.61 2.28
N CYS A 12 -0.87 -1.37 2.74
CA CYS A 12 -0.04 -0.78 3.79
C CYS A 12 -0.34 -1.43 5.17
N PRO A 13 0.69 -1.73 5.99
CA PRO A 13 0.52 -2.20 7.37
C PRO A 13 0.06 -1.11 8.35
N GLN A 14 0.07 0.17 7.95
CA GLN A 14 -0.30 1.32 8.80
C GLN A 14 -1.49 2.14 8.28
N CYS A 15 -1.75 2.15 6.96
CA CYS A 15 -2.81 2.95 6.32
C CYS A 15 -3.91 2.09 5.66
N SER A 16 -4.95 2.76 5.15
CA SER A 16 -5.96 2.19 4.24
C SER A 16 -5.47 2.17 2.77
N TYR A 17 -4.20 2.48 2.54
CA TYR A 17 -3.54 2.48 1.23
C TYR A 17 -3.48 1.07 0.61
N ALA A 18 -3.83 0.95 -0.67
CA ALA A 18 -3.73 -0.29 -1.43
C ALA A 18 -3.32 -0.05 -2.89
N SER A 19 -2.55 -0.97 -3.46
CA SER A 19 -2.02 -0.93 -4.84
C SER A 19 -2.12 -2.30 -5.53
N ALA A 20 -2.21 -2.27 -6.86
CA ALA A 20 -2.08 -3.46 -7.73
C ALA A 20 -0.62 -3.78 -8.13
N ILE A 21 0.34 -2.94 -7.69
CA ILE A 21 1.78 -3.02 -8.00
C ILE A 21 2.59 -2.93 -6.69
N LYS A 22 3.54 -3.85 -6.49
CA LYS A 22 4.39 -3.95 -5.28
C LYS A 22 5.32 -2.74 -5.10
N ALA A 23 5.90 -2.24 -6.19
CA ALA A 23 6.82 -1.10 -6.17
C ALA A 23 6.16 0.22 -5.72
N ASN A 24 4.86 0.39 -5.99
CA ASN A 24 4.07 1.53 -5.53
C ASN A 24 3.94 1.52 -3.98
N LEU A 25 3.68 0.34 -3.40
CA LEU A 25 3.68 0.11 -1.95
C LEU A 25 5.09 0.29 -1.35
N ASN A 26 6.13 -0.19 -2.04
CA ASN A 26 7.53 0.01 -1.61
C ASN A 26 7.84 1.50 -1.43
N VAL A 27 7.49 2.36 -2.40
CA VAL A 27 7.64 3.83 -2.28
C VAL A 27 6.79 4.40 -1.14
N HIS A 28 5.56 3.91 -0.96
CA HIS A 28 4.70 4.34 0.15
C HIS A 28 5.31 4.00 1.54
N LEU A 29 5.92 2.82 1.68
CA LEU A 29 6.56 2.37 2.92
C LEU A 29 7.87 3.09 3.24
N ARG A 30 8.57 3.63 2.25
CA ARG A 30 9.80 4.40 2.50
C ARG A 30 9.53 5.61 3.42
N LYS A 31 8.28 6.10 3.42
CA LYS A 31 7.78 7.17 4.30
C LYS A 31 7.48 6.67 5.72
N HIS A 32 7.16 5.37 5.89
CA HIS A 32 7.01 4.74 7.20
C HIS A 32 8.35 4.29 7.81
N THR A 33 9.32 3.85 7.01
CA THR A 33 10.65 3.41 7.50
C THR A 33 11.60 4.60 7.76
N GLY A 34 11.52 5.66 6.94
CA GLY A 34 12.27 6.91 7.13
C GLY A 34 13.79 6.78 7.00
N GLU A 35 14.52 7.75 7.55
CA GLU A 35 15.99 7.87 7.47
C GLU A 35 16.71 7.63 8.82
N LYS A 36 15.97 7.28 9.88
CA LYS A 36 16.45 7.03 11.24
C LYS A 36 15.64 5.92 11.94
ZN ZN B . 1.02 3.68 4.87
N GLY A 1 -17.46 -1.76 -6.01
CA GLY A 1 -18.92 -1.75 -6.14
C GLY A 1 -19.47 -3.15 -6.27
N SER A 2 -19.79 -3.58 -7.50
CA SER A 2 -20.25 -4.95 -7.80
C SER A 2 -19.16 -5.98 -7.45
N SER A 3 -19.56 -7.10 -6.83
CA SER A 3 -18.66 -8.15 -6.29
C SER A 3 -17.62 -7.62 -5.27
N GLY A 4 -17.97 -6.57 -4.52
CA GLY A 4 -17.14 -5.96 -3.47
C GLY A 4 -16.22 -4.82 -3.96
N SER A 5 -15.33 -4.37 -3.06
CA SER A 5 -14.43 -3.23 -3.25
C SER A 5 -13.06 -3.47 -2.59
N SER A 6 -12.06 -2.65 -2.96
CA SER A 6 -10.70 -2.64 -2.37
C SER A 6 -9.96 -4.00 -2.42
N GLY A 7 -10.13 -4.74 -3.52
CA GLY A 7 -9.51 -6.06 -3.75
C GLY A 7 -8.02 -6.04 -4.14
N LYS A 8 -7.39 -4.87 -4.25
CA LYS A 8 -5.96 -4.68 -4.53
C LYS A 8 -5.08 -5.40 -3.48
N PRO A 9 -4.08 -6.22 -3.88
CA PRO A 9 -3.38 -7.11 -2.96
C PRO A 9 -2.30 -6.43 -2.10
N TYR A 10 -1.58 -5.45 -2.65
CA TYR A 10 -0.45 -4.82 -1.97
C TYR A 10 -0.93 -3.68 -1.06
N LYS A 11 -1.11 -3.96 0.23
CA LYS A 11 -1.68 -3.03 1.23
C LYS A 11 -0.66 -2.56 2.28
N CYS A 12 -0.81 -1.32 2.73
CA CYS A 12 0.01 -0.72 3.79
C CYS A 12 -0.31 -1.37 5.17
N PRO A 13 0.71 -1.68 5.99
CA PRO A 13 0.52 -2.12 7.37
C PRO A 13 0.10 -0.99 8.33
N GLN A 14 0.20 0.28 7.91
CA GLN A 14 -0.11 1.46 8.74
C GLN A 14 -1.38 2.21 8.27
N CYS A 15 -1.68 2.20 6.97
CA CYS A 15 -2.76 2.98 6.34
C CYS A 15 -3.85 2.09 5.70
N SER A 16 -4.91 2.75 5.20
CA SER A 16 -5.92 2.15 4.32
C SER A 16 -5.46 2.04 2.85
N TYR A 17 -4.21 2.43 2.57
CA TYR A 17 -3.57 2.42 1.24
C TYR A 17 -3.50 1.00 0.65
N ALA A 18 -3.85 0.87 -0.64
CA ALA A 18 -3.73 -0.36 -1.42
C ALA A 18 -3.30 -0.09 -2.88
N SER A 19 -2.54 -1.02 -3.46
CA SER A 19 -2.01 -0.97 -4.83
C SER A 19 -2.10 -2.32 -5.55
N ALA A 20 -2.16 -2.28 -6.88
CA ALA A 20 -2.03 -3.45 -7.76
C ALA A 20 -0.56 -3.77 -8.12
N ILE A 21 0.39 -2.94 -7.69
CA ILE A 21 1.84 -3.04 -7.98
C ILE A 21 2.63 -2.93 -6.66
N LYS A 22 3.56 -3.87 -6.42
CA LYS A 22 4.39 -3.93 -5.19
C LYS A 22 5.34 -2.75 -5.04
N ALA A 23 5.91 -2.25 -6.14
CA ALA A 23 6.83 -1.11 -6.13
C ALA A 23 6.16 0.21 -5.71
N ASN A 24 4.87 0.38 -5.99
CA ASN A 24 4.09 1.52 -5.53
C ASN A 24 3.95 1.51 -3.99
N LEU A 25 3.67 0.34 -3.41
CA LEU A 25 3.67 0.13 -1.96
C LEU A 25 5.06 0.31 -1.35
N ASN A 26 6.12 -0.15 -2.03
CA ASN A 26 7.51 0.05 -1.60
C ASN A 26 7.82 1.55 -1.42
N VAL A 27 7.49 2.39 -2.41
CA VAL A 27 7.63 3.86 -2.31
C VAL A 27 6.77 4.44 -1.18
N HIS A 28 5.55 3.95 -1.00
CA HIS A 28 4.67 4.38 0.11
C HIS A 28 5.27 4.05 1.48
N LEU A 29 5.87 2.86 1.65
CA LEU A 29 6.49 2.43 2.90
C LEU A 29 7.77 3.16 3.24
N ARG A 30 8.51 3.69 2.26
CA ARG A 30 9.74 4.45 2.53
C ARG A 30 9.48 5.66 3.45
N LYS A 31 8.23 6.14 3.46
CA LYS A 31 7.72 7.22 4.33
C LYS A 31 7.47 6.73 5.77
N HIS A 32 7.15 5.46 5.96
CA HIS A 32 7.03 4.82 7.27
C HIS A 32 8.37 4.32 7.83
N THR A 33 9.21 3.70 7.01
CA THR A 33 10.51 3.10 7.42
C THR A 33 11.65 4.11 7.59
N GLY A 34 11.46 5.35 7.12
CA GLY A 34 12.42 6.46 7.32
C GLY A 34 12.50 6.99 8.77
N GLU A 35 11.53 6.65 9.63
CA GLU A 35 11.53 7.02 11.05
C GLU A 35 12.43 6.10 11.89
N LYS A 36 13.09 6.65 12.92
CA LYS A 36 14.01 5.96 13.84
C LYS A 36 13.94 6.52 15.28
ZN ZN B . 1.05 3.76 4.81
N GLY A 1 -20.62 -11.94 3.36
CA GLY A 1 -19.99 -10.75 2.75
C GLY A 1 -18.50 -10.97 2.47
N SER A 2 -17.98 -10.34 1.42
CA SER A 2 -16.58 -10.47 0.98
C SER A 2 -15.58 -9.85 1.97
N SER A 3 -14.37 -10.42 2.06
CA SER A 3 -13.30 -10.01 2.99
C SER A 3 -12.37 -8.90 2.44
N GLY A 4 -12.53 -8.51 1.17
CA GLY A 4 -11.71 -7.48 0.51
C GLY A 4 -10.36 -7.99 -0.04
N SER A 5 -10.13 -9.31 -0.06
CA SER A 5 -8.94 -9.94 -0.66
C SER A 5 -8.95 -9.94 -2.20
N SER A 6 -10.14 -9.76 -2.80
CA SER A 6 -10.35 -9.64 -4.25
C SER A 6 -10.01 -8.26 -4.84
N GLY A 7 -9.78 -7.26 -3.99
CA GLY A 7 -9.33 -5.92 -4.37
C GLY A 7 -7.82 -5.84 -4.66
N LYS A 8 -7.27 -4.62 -4.60
CA LYS A 8 -5.83 -4.34 -4.73
C LYS A 8 -5.02 -5.10 -3.66
N PRO A 9 -4.05 -5.97 -4.02
CA PRO A 9 -3.42 -6.90 -3.09
C PRO A 9 -2.33 -6.28 -2.20
N TYR A 10 -1.58 -5.29 -2.71
CA TYR A 10 -0.46 -4.71 -1.98
C TYR A 10 -0.94 -3.60 -1.05
N LYS A 11 -1.18 -3.93 0.22
CA LYS A 11 -1.78 -3.04 1.24
C LYS A 11 -0.77 -2.61 2.31
N CYS A 12 -0.90 -1.36 2.78
CA CYS A 12 -0.08 -0.80 3.85
C CYS A 12 -0.38 -1.46 5.21
N PRO A 13 0.65 -1.78 6.03
CA PRO A 13 0.48 -2.28 7.39
C PRO A 13 0.05 -1.18 8.39
N GLN A 14 0.09 0.10 8.00
CA GLN A 14 -0.26 1.24 8.87
C GLN A 14 -1.47 2.05 8.38
N CYS A 15 -1.75 2.06 7.07
CA CYS A 15 -2.84 2.84 6.45
C CYS A 15 -3.93 1.96 5.80
N SER A 16 -5.00 2.61 5.32
CA SER A 16 -6.01 2.02 4.43
C SER A 16 -5.55 1.95 2.95
N TYR A 17 -4.30 2.36 2.68
CA TYR A 17 -3.67 2.38 1.35
C TYR A 17 -3.57 0.97 0.74
N ALA A 18 -3.91 0.86 -0.55
CA ALA A 18 -3.74 -0.34 -1.36
C ALA A 18 -3.31 0.00 -2.79
N SER A 19 -2.49 -0.85 -3.41
CA SER A 19 -2.07 -0.74 -4.82
C SER A 19 -2.03 -2.10 -5.55
N ALA A 20 -1.97 -2.06 -6.88
CA ALA A 20 -1.86 -3.22 -7.77
C ALA A 20 -0.40 -3.64 -8.07
N ILE A 21 0.59 -2.89 -7.55
CA ILE A 21 2.02 -3.08 -7.83
C ILE A 21 2.82 -3.05 -6.51
N LYS A 22 3.77 -3.98 -6.33
CA LYS A 22 4.63 -4.07 -5.14
C LYS A 22 5.51 -2.83 -4.94
N ALA A 23 6.06 -2.29 -6.02
CA ALA A 23 6.89 -1.08 -6.01
C ALA A 23 6.14 0.17 -5.51
N ASN A 24 4.85 0.30 -5.81
CA ASN A 24 4.02 1.40 -5.33
C ASN A 24 3.88 1.37 -3.79
N LEU A 25 3.66 0.18 -3.23
CA LEU A 25 3.67 -0.03 -1.77
C LEU A 25 5.07 0.18 -1.18
N ASN A 26 6.14 -0.25 -1.86
CA ASN A 26 7.51 0.00 -1.41
C ASN A 26 7.81 1.51 -1.28
N VAL A 27 7.41 2.33 -2.26
CA VAL A 27 7.53 3.80 -2.18
C VAL A 27 6.64 4.39 -1.08
N HIS A 28 5.44 3.84 -0.86
CA HIS A 28 4.58 4.25 0.25
C HIS A 28 5.20 3.94 1.62
N LEU A 29 5.86 2.78 1.77
CA LEU A 29 6.59 2.40 2.98
C LEU A 29 7.92 3.15 3.15
N ARG A 30 8.53 3.61 2.06
CA ARG A 30 9.74 4.44 2.14
C ARG A 30 9.49 5.77 2.88
N LYS A 31 8.22 6.19 2.98
CA LYS A 31 7.75 7.31 3.82
C LYS A 31 7.55 6.90 5.29
N HIS A 32 7.21 5.64 5.57
CA HIS A 32 7.02 5.12 6.93
C HIS A 32 8.33 4.72 7.64
N THR A 33 9.25 4.06 6.94
CA THR A 33 10.44 3.42 7.55
C THR A 33 11.71 3.43 6.69
N GLY A 34 11.60 3.53 5.35
CA GLY A 34 12.74 3.53 4.44
C GLY A 34 13.61 4.80 4.48
N GLU A 35 14.80 4.72 3.87
CA GLU A 35 15.78 5.81 3.77
C GLU A 35 16.66 5.65 2.50
N LYS A 36 17.18 6.76 1.96
CA LYS A 36 18.11 6.84 0.81
C LYS A 36 17.65 5.99 -0.41
ZN ZN B . 0.94 3.66 4.94
N GLY A 1 -19.77 -13.29 -13.38
CA GLY A 1 -18.85 -12.15 -13.61
C GLY A 1 -18.10 -11.77 -12.35
N SER A 2 -16.92 -11.16 -12.50
CA SER A 2 -16.00 -10.79 -11.39
C SER A 2 -15.72 -9.26 -11.31
N SER A 3 -16.51 -8.44 -12.00
CA SER A 3 -16.31 -6.98 -12.10
C SER A 3 -16.39 -6.29 -10.74
N GLY A 4 -15.26 -5.78 -10.25
CA GLY A 4 -15.14 -5.15 -8.92
C GLY A 4 -15.20 -6.13 -7.73
N SER A 5 -15.18 -7.45 -7.97
CA SER A 5 -15.36 -8.49 -6.93
C SER A 5 -14.09 -8.78 -6.11
N SER A 6 -12.93 -8.27 -6.53
CA SER A 6 -11.62 -8.46 -5.87
C SER A 6 -10.90 -7.12 -5.65
N GLY A 7 -10.30 -6.95 -4.48
CA GLY A 7 -9.53 -5.74 -4.09
C GLY A 7 -8.07 -5.75 -4.57
N LYS A 8 -7.40 -4.60 -4.38
CA LYS A 8 -5.95 -4.42 -4.63
C LYS A 8 -5.11 -5.20 -3.59
N PRO A 9 -4.10 -6.00 -4.00
CA PRO A 9 -3.42 -6.92 -3.09
C PRO A 9 -2.33 -6.29 -2.21
N TYR A 10 -1.58 -5.31 -2.72
CA TYR A 10 -0.45 -4.73 -2.00
C TYR A 10 -0.93 -3.61 -1.06
N LYS A 11 -1.15 -3.93 0.21
CA LYS A 11 -1.71 -3.03 1.23
C LYS A 11 -0.69 -2.58 2.28
N CYS A 12 -0.82 -1.33 2.74
CA CYS A 12 -0.03 -0.77 3.82
C CYS A 12 -0.36 -1.45 5.18
N PRO A 13 0.64 -1.78 6.01
CA PRO A 13 0.44 -2.29 7.37
C PRO A 13 -0.02 -1.21 8.36
N GLN A 14 0.05 0.08 7.98
CA GLN A 14 -0.24 1.23 8.84
C GLN A 14 -1.42 2.10 8.36
N CYS A 15 -1.72 2.10 7.05
CA CYS A 15 -2.79 2.88 6.43
C CYS A 15 -3.88 2.00 5.78
N SER A 16 -4.94 2.66 5.30
CA SER A 16 -5.97 2.06 4.42
C SER A 16 -5.51 1.97 2.95
N TYR A 17 -4.26 2.37 2.66
CA TYR A 17 -3.64 2.39 1.34
C TYR A 17 -3.53 0.98 0.72
N ALA A 18 -3.89 0.86 -0.57
CA ALA A 18 -3.72 -0.34 -1.37
C ALA A 18 -3.31 -0.01 -2.82
N SER A 19 -2.47 -0.86 -3.44
CA SER A 19 -2.05 -0.76 -4.84
C SER A 19 -2.02 -2.12 -5.55
N ALA A 20 -1.98 -2.09 -6.88
CA ALA A 20 -1.87 -3.27 -7.76
C ALA A 20 -0.41 -3.67 -8.06
N ILE A 21 0.58 -2.90 -7.57
CA ILE A 21 2.02 -3.07 -7.84
C ILE A 21 2.81 -3.03 -6.52
N LYS A 22 3.77 -3.96 -6.35
CA LYS A 22 4.63 -4.07 -5.15
C LYS A 22 5.52 -2.82 -4.95
N ALA A 23 6.07 -2.29 -6.03
CA ALA A 23 6.92 -1.09 -6.02
C ALA A 23 6.18 0.17 -5.53
N ASN A 24 4.88 0.30 -5.84
CA ASN A 24 4.06 1.42 -5.36
C ASN A 24 3.93 1.37 -3.82
N LEU A 25 3.69 0.18 -3.26
CA LEU A 25 3.68 -0.03 -1.82
C LEU A 25 5.08 0.19 -1.20
N ASN A 26 6.16 -0.24 -1.86
CA ASN A 26 7.52 0.01 -1.39
C ASN A 26 7.81 1.52 -1.25
N VAL A 27 7.46 2.33 -2.25
CA VAL A 27 7.58 3.81 -2.18
C VAL A 27 6.67 4.40 -1.09
N HIS A 28 5.46 3.86 -0.89
CA HIS A 28 4.58 4.29 0.20
C HIS A 28 5.19 3.98 1.58
N LEU A 29 5.80 2.81 1.75
CA LEU A 29 6.51 2.41 2.98
C LEU A 29 7.81 3.17 3.20
N ARG A 30 8.46 3.63 2.14
CA ARG A 30 9.68 4.45 2.27
C ARG A 30 9.41 5.76 3.04
N LYS A 31 8.14 6.19 3.11
CA LYS A 31 7.66 7.32 3.94
C LYS A 31 7.47 6.92 5.41
N HIS A 32 7.17 5.65 5.70
CA HIS A 32 7.05 5.12 7.06
C HIS A 32 8.39 4.68 7.69
N THR A 33 9.28 4.04 6.91
CA THR A 33 10.50 3.38 7.42
C THR A 33 11.59 3.24 6.33
N GLY A 34 12.82 2.94 6.74
CA GLY A 34 13.95 2.63 5.85
C GLY A 34 14.60 3.83 5.13
N GLU A 35 14.16 5.05 5.42
CA GLU A 35 14.68 6.31 4.82
C GLU A 35 14.61 7.47 5.84
N LYS A 36 15.61 8.36 5.82
CA LYS A 36 15.74 9.53 6.70
C LYS A 36 16.38 10.72 5.98
ZN ZN B . 0.99 3.68 4.94
N GLY A 1 -12.20 1.58 -1.03
CA GLY A 1 -11.11 1.00 -0.22
C GLY A 1 -10.05 0.37 -1.11
N SER A 2 -9.79 -0.92 -0.97
CA SER A 2 -8.84 -1.71 -1.81
C SER A 2 -9.47 -2.11 -3.16
N SER A 3 -10.16 -1.17 -3.81
CA SER A 3 -11.03 -1.40 -4.98
C SER A 3 -10.26 -1.78 -6.26
N GLY A 4 -10.79 -2.74 -7.02
CA GLY A 4 -10.24 -3.23 -8.29
C GLY A 4 -11.04 -4.41 -8.85
N SER A 5 -10.68 -4.91 -10.03
CA SER A 5 -11.38 -6.01 -10.74
C SER A 5 -11.45 -7.32 -9.93
N SER A 6 -10.45 -7.57 -9.09
CA SER A 6 -10.41 -8.64 -8.07
C SER A 6 -9.83 -8.11 -6.74
N GLY A 7 -10.03 -6.80 -6.49
CA GLY A 7 -9.39 -6.03 -5.42
C GLY A 7 -7.89 -5.76 -5.65
N LYS A 8 -7.31 -4.89 -4.83
CA LYS A 8 -5.87 -4.59 -4.79
C LYS A 8 -5.15 -5.48 -3.76
N PRO A 9 -4.10 -6.24 -4.13
CA PRO A 9 -3.47 -7.20 -3.23
C PRO A 9 -2.46 -6.56 -2.27
N TYR A 10 -1.68 -5.60 -2.74
CA TYR A 10 -0.60 -4.98 -1.95
C TYR A 10 -1.17 -3.85 -1.08
N LYS A 11 -1.03 -3.95 0.26
CA LYS A 11 -1.63 -3.02 1.23
C LYS A 11 -0.64 -2.56 2.30
N CYS A 12 -0.80 -1.32 2.78
CA CYS A 12 0.01 -0.75 3.85
C CYS A 12 -0.32 -1.40 5.22
N PRO A 13 0.69 -1.72 6.05
CA PRO A 13 0.48 -2.22 7.41
C PRO A 13 0.04 -1.12 8.40
N GLN A 14 0.10 0.16 8.02
CA GLN A 14 -0.26 1.31 8.88
C GLN A 14 -1.45 2.13 8.37
N CYS A 15 -1.71 2.16 7.06
CA CYS A 15 -2.77 2.95 6.43
C CYS A 15 -3.89 2.09 5.80
N SER A 16 -4.93 2.76 5.29
CA SER A 16 -5.96 2.17 4.43
C SER A 16 -5.50 2.07 2.95
N TYR A 17 -4.23 2.44 2.68
CA TYR A 17 -3.61 2.43 1.35
C TYR A 17 -3.50 1.02 0.75
N ALA A 18 -3.85 0.89 -0.53
CA ALA A 18 -3.63 -0.29 -1.34
C ALA A 18 -3.23 0.06 -2.78
N SER A 19 -2.48 -0.82 -3.44
CA SER A 19 -2.08 -0.72 -4.86
C SER A 19 -2.09 -2.07 -5.58
N ALA A 20 -2.09 -2.03 -6.91
CA ALA A 20 -1.97 -3.20 -7.80
C ALA A 20 -0.51 -3.58 -8.13
N ILE A 21 0.47 -2.82 -7.63
CA ILE A 21 1.91 -2.99 -7.89
C ILE A 21 2.71 -2.95 -6.57
N LYS A 22 3.63 -3.90 -6.38
CA LYS A 22 4.47 -4.00 -5.16
C LYS A 22 5.41 -2.81 -4.98
N ALA A 23 5.97 -2.29 -6.07
CA ALA A 23 6.85 -1.11 -6.06
C ALA A 23 6.14 0.17 -5.57
N ASN A 24 4.85 0.34 -5.88
CA ASN A 24 4.05 1.46 -5.38
C ASN A 24 3.92 1.41 -3.84
N LEU A 25 3.66 0.21 -3.29
CA LEU A 25 3.65 0.00 -1.85
C LEU A 25 5.05 0.19 -1.24
N ASN A 26 6.12 -0.25 -1.90
CA ASN A 26 7.49 -0.03 -1.42
C ASN A 26 7.81 1.47 -1.27
N VAL A 27 7.48 2.30 -2.26
CA VAL A 27 7.62 3.77 -2.18
C VAL A 27 6.73 4.37 -1.09
N HIS A 28 5.51 3.85 -0.90
CA HIS A 28 4.64 4.28 0.19
C HIS A 28 5.24 3.94 1.57
N LEU A 29 5.84 2.76 1.74
CA LEU A 29 6.53 2.33 2.95
C LEU A 29 7.82 3.08 3.22
N ARG A 30 8.52 3.56 2.16
CA ARG A 30 9.74 4.36 2.36
C ARG A 30 9.45 5.62 3.20
N LYS A 31 8.19 6.11 3.18
CA LYS A 31 7.71 7.22 4.03
C LYS A 31 7.48 6.80 5.49
N HIS A 32 7.17 5.52 5.74
CA HIS A 32 7.08 4.95 7.09
C HIS A 32 8.44 4.55 7.69
N THR A 33 9.38 4.06 6.87
CA THR A 33 10.70 3.55 7.32
C THR A 33 11.84 4.57 7.25
N GLY A 34 11.64 5.71 6.57
CA GLY A 34 12.67 6.69 6.22
C GLY A 34 13.25 6.40 4.83
N GLU A 35 13.14 7.38 3.91
CA GLU A 35 13.41 7.20 2.49
C GLU A 35 14.89 7.34 2.05
N LYS A 36 15.77 7.68 2.99
CA LYS A 36 17.17 8.06 2.77
C LYS A 36 18.12 6.87 2.62
ZN ZN B . 1.04 3.70 4.94
N GLY A 1 -9.68 7.87 3.60
CA GLY A 1 -10.81 7.17 4.26
C GLY A 1 -10.44 5.75 4.64
N SER A 2 -11.00 5.24 5.74
CA SER A 2 -10.67 3.91 6.31
C SER A 2 -11.08 2.72 5.42
N SER A 3 -12.00 2.92 4.47
CA SER A 3 -12.44 1.91 3.49
C SER A 3 -11.36 1.49 2.48
N GLY A 4 -10.31 2.30 2.29
CA GLY A 4 -9.20 2.01 1.37
C GLY A 4 -9.61 1.99 -0.10
N SER A 5 -9.05 1.06 -0.88
CA SER A 5 -9.34 0.85 -2.30
C SER A 5 -9.45 -0.65 -2.67
N SER A 6 -10.39 -0.99 -3.55
CA SER A 6 -10.79 -2.37 -3.87
C SER A 6 -9.97 -3.01 -5.00
N GLY A 7 -9.92 -4.34 -5.03
CA GLY A 7 -9.26 -5.13 -6.08
C GLY A 7 -7.72 -5.07 -6.09
N LYS A 8 -7.11 -4.62 -4.99
CA LYS A 8 -5.68 -4.27 -4.85
C LYS A 8 -5.04 -5.06 -3.71
N PRO A 9 -4.13 -6.02 -3.98
CA PRO A 9 -3.61 -6.94 -2.97
C PRO A 9 -2.51 -6.33 -2.10
N TYR A 10 -1.70 -5.41 -2.63
CA TYR A 10 -0.56 -4.85 -1.92
C TYR A 10 -1.00 -3.70 -1.02
N LYS A 11 -1.24 -3.99 0.26
CA LYS A 11 -1.78 -3.04 1.25
C LYS A 11 -0.73 -2.59 2.27
N CYS A 12 -0.87 -1.35 2.76
CA CYS A 12 -0.01 -0.79 3.81
C CYS A 12 -0.27 -1.47 5.19
N PRO A 13 0.77 -1.76 5.98
CA PRO A 13 0.65 -2.20 7.37
C PRO A 13 0.04 -1.14 8.31
N GLN A 14 0.15 0.15 7.97
CA GLN A 14 -0.21 1.27 8.83
C GLN A 14 -1.43 2.09 8.34
N CYS A 15 -1.68 2.10 7.02
CA CYS A 15 -2.76 2.86 6.38
C CYS A 15 -3.85 1.95 5.77
N SER A 16 -4.91 2.58 5.27
CA SER A 16 -5.92 1.95 4.40
C SER A 16 -5.44 1.86 2.93
N TYR A 17 -4.22 2.35 2.64
CA TYR A 17 -3.59 2.36 1.32
C TYR A 17 -3.52 0.95 0.70
N ALA A 18 -3.84 0.84 -0.59
CA ALA A 18 -3.69 -0.37 -1.39
C ALA A 18 -3.24 -0.06 -2.83
N SER A 19 -2.51 -0.99 -3.44
CA SER A 19 -2.00 -0.93 -4.81
C SER A 19 -2.12 -2.27 -5.54
N ALA A 20 -2.17 -2.22 -6.88
CA ALA A 20 -2.06 -3.38 -7.78
C ALA A 20 -0.60 -3.74 -8.13
N ILE A 21 0.37 -2.92 -7.69
CA ILE A 21 1.82 -3.04 -7.95
C ILE A 21 2.59 -2.94 -6.62
N LYS A 22 3.47 -3.91 -6.34
CA LYS A 22 4.26 -3.99 -5.10
C LYS A 22 5.27 -2.84 -4.95
N ALA A 23 5.85 -2.37 -6.05
CA ALA A 23 6.80 -1.25 -6.05
C ALA A 23 6.16 0.10 -5.64
N ASN A 24 4.86 0.29 -5.92
CA ASN A 24 4.11 1.47 -5.47
C ASN A 24 3.96 1.46 -3.93
N LEU A 25 3.67 0.29 -3.34
CA LEU A 25 3.67 0.08 -1.90
C LEU A 25 5.07 0.24 -1.30
N ASN A 26 6.12 -0.23 -1.98
CA ASN A 26 7.51 -0.03 -1.56
C ASN A 26 7.84 1.46 -1.40
N VAL A 27 7.50 2.30 -2.39
CA VAL A 27 7.64 3.77 -2.29
C VAL A 27 6.79 4.36 -1.17
N HIS A 28 5.56 3.88 -0.96
CA HIS A 28 4.70 4.32 0.14
C HIS A 28 5.32 4.00 1.52
N LEU A 29 5.93 2.82 1.68
CA LEU A 29 6.60 2.40 2.92
C LEU A 29 7.89 3.14 3.22
N ARG A 30 8.59 3.64 2.20
CA ARG A 30 9.83 4.43 2.43
C ARG A 30 9.56 5.67 3.31
N LYS A 31 8.31 6.16 3.30
CA LYS A 31 7.80 7.26 4.15
C LYS A 31 7.52 6.78 5.59
N HIS A 32 7.17 5.51 5.79
CA HIS A 32 7.01 4.91 7.12
C HIS A 32 8.35 4.50 7.77
N THR A 33 9.34 4.05 6.98
CA THR A 33 10.67 3.67 7.50
C THR A 33 11.57 4.89 7.74
N GLY A 34 11.60 5.84 6.80
CA GLY A 34 12.30 7.13 6.93
C GLY A 34 13.81 7.01 7.22
N GLU A 35 14.34 7.98 7.98
CA GLU A 35 15.71 8.00 8.50
C GLU A 35 15.75 8.65 9.89
N LYS A 36 16.55 8.09 10.81
CA LYS A 36 16.70 8.55 12.21
C LYS A 36 18.14 8.33 12.71
ZN ZN B . 1.02 3.65 4.86
N GLY A 1 -4.01 -18.00 3.97
CA GLY A 1 -3.73 -16.92 3.00
C GLY A 1 -5.01 -16.35 2.38
N SER A 2 -4.90 -15.23 1.66
CA SER A 2 -6.02 -14.58 0.97
C SER A 2 -6.47 -15.33 -0.29
N SER A 3 -7.77 -15.28 -0.58
CA SER A 3 -8.38 -15.77 -1.83
C SER A 3 -8.30 -14.76 -2.99
N GLY A 4 -7.72 -13.57 -2.76
CA GLY A 4 -7.64 -12.47 -3.75
C GLY A 4 -8.94 -11.65 -3.89
N SER A 5 -9.94 -11.89 -3.04
CA SER A 5 -11.23 -11.19 -3.01
C SER A 5 -11.18 -9.79 -2.37
N SER A 6 -10.04 -9.41 -1.77
CA SER A 6 -9.79 -8.12 -1.12
C SER A 6 -9.39 -6.98 -2.08
N GLY A 7 -9.52 -7.16 -3.39
CA GLY A 7 -9.19 -6.17 -4.41
C GLY A 7 -7.67 -6.03 -4.62
N LYS A 8 -7.17 -4.78 -4.58
CA LYS A 8 -5.73 -4.45 -4.68
C LYS A 8 -4.93 -5.18 -3.58
N PRO A 9 -3.99 -6.09 -3.93
CA PRO A 9 -3.37 -7.00 -2.96
C PRO A 9 -2.30 -6.35 -2.10
N TYR A 10 -1.56 -5.38 -2.65
CA TYR A 10 -0.43 -4.76 -1.95
C TYR A 10 -0.93 -3.62 -1.05
N LYS A 11 -1.19 -3.94 0.21
CA LYS A 11 -1.76 -3.03 1.23
C LYS A 11 -0.72 -2.57 2.25
N CYS A 12 -0.86 -1.34 2.74
CA CYS A 12 -0.04 -0.78 3.81
C CYS A 12 -0.36 -1.44 5.18
N PRO A 13 0.65 -1.75 6.02
CA PRO A 13 0.46 -2.25 7.37
C PRO A 13 0.02 -1.15 8.37
N GLN A 14 0.09 0.13 7.99
CA GLN A 14 -0.25 1.28 8.85
C GLN A 14 -1.46 2.11 8.36
N CYS A 15 -1.74 2.12 7.05
CA CYS A 15 -2.81 2.90 6.42
C CYS A 15 -3.92 2.02 5.79
N SER A 16 -4.98 2.68 5.31
CA SER A 16 -6.01 2.07 4.44
C SER A 16 -5.55 1.99 2.97
N TYR A 17 -4.29 2.37 2.68
CA TYR A 17 -3.68 2.38 1.35
C TYR A 17 -3.55 0.98 0.74
N ALA A 18 -3.89 0.85 -0.55
CA ALA A 18 -3.65 -0.34 -1.35
C ALA A 18 -3.25 0.02 -2.80
N SER A 19 -2.45 -0.85 -3.44
CA SER A 19 -2.08 -0.77 -4.87
C SER A 19 -2.10 -2.14 -5.55
N ALA A 20 -2.18 -2.13 -6.89
CA ALA A 20 -1.99 -3.30 -7.75
C ALA A 20 -0.50 -3.58 -8.06
N ILE A 21 0.42 -2.71 -7.61
CA ILE A 21 1.85 -2.77 -7.91
C ILE A 21 2.68 -2.82 -6.61
N LYS A 22 3.55 -3.83 -6.48
CA LYS A 22 4.41 -4.04 -5.30
C LYS A 22 5.41 -2.90 -5.07
N ALA A 23 5.99 -2.36 -6.14
CA ALA A 23 6.90 -1.22 -6.10
C ALA A 23 6.23 0.06 -5.57
N ASN A 24 4.94 0.27 -5.88
CA ASN A 24 4.19 1.43 -5.42
C ASN A 24 3.95 1.39 -3.90
N LEU A 25 3.67 0.19 -3.34
CA LEU A 25 3.64 -0.01 -1.90
C LEU A 25 5.03 0.18 -1.27
N ASN A 26 6.11 -0.25 -1.93
CA ASN A 26 7.47 -0.04 -1.42
C ASN A 26 7.80 1.46 -1.31
N VAL A 27 7.44 2.30 -2.30
CA VAL A 27 7.59 3.77 -2.20
C VAL A 27 6.70 4.36 -1.11
N HIS A 28 5.48 3.83 -0.92
CA HIS A 28 4.61 4.26 0.18
C HIS A 28 5.21 3.92 1.55
N LEU A 29 5.83 2.74 1.71
CA LEU A 29 6.53 2.32 2.92
C LEU A 29 7.84 3.06 3.16
N ARG A 30 8.52 3.52 2.10
CA ARG A 30 9.75 4.30 2.22
C ARG A 30 9.52 5.61 3.01
N LYS A 31 8.26 6.06 3.11
CA LYS A 31 7.80 7.16 3.97
C LYS A 31 7.59 6.72 5.43
N HIS A 32 7.18 5.47 5.66
CA HIS A 32 7.03 4.89 7.01
C HIS A 32 8.36 4.47 7.66
N THR A 33 9.36 4.05 6.88
CA THR A 33 10.68 3.62 7.40
C THR A 33 11.52 4.80 7.94
N GLY A 34 11.33 6.01 7.41
CA GLY A 34 11.97 7.24 7.89
C GLY A 34 13.49 7.28 7.71
N GLU A 35 14.16 8.15 8.48
CA GLU A 35 15.62 8.29 8.51
C GLU A 35 16.33 7.24 9.39
N LYS A 36 17.62 7.01 9.14
CA LYS A 36 18.50 6.08 9.87
C LYS A 36 19.95 6.58 9.99
ZN ZN B . 0.97 3.68 4.89
N GLY A 1 -11.71 11.89 -12.79
CA GLY A 1 -12.68 11.29 -11.84
C GLY A 1 -12.02 10.30 -10.90
N SER A 2 -12.84 9.49 -10.22
CA SER A 2 -12.40 8.44 -9.28
C SER A 2 -13.37 7.24 -9.24
N SER A 3 -12.94 6.12 -8.66
CA SER A 3 -13.71 4.87 -8.53
C SER A 3 -13.48 4.17 -7.19
N GLY A 4 -14.42 3.30 -6.80
CA GLY A 4 -14.38 2.52 -5.55
C GLY A 4 -13.56 1.22 -5.61
N SER A 5 -12.85 0.96 -6.71
CA SER A 5 -12.14 -0.30 -6.98
C SER A 5 -11.07 -0.62 -5.92
N SER A 6 -11.27 -1.70 -5.16
CA SER A 6 -10.46 -2.09 -3.99
C SER A 6 -9.84 -3.50 -4.10
N GLY A 7 -9.89 -4.13 -5.28
CA GLY A 7 -9.30 -5.45 -5.58
C GLY A 7 -7.77 -5.41 -5.73
N LYS A 8 -7.08 -4.85 -4.72
CA LYS A 8 -5.65 -4.51 -4.73
C LYS A 8 -4.92 -5.28 -3.61
N PRO A 9 -3.94 -6.15 -3.93
CA PRO A 9 -3.34 -7.06 -2.96
C PRO A 9 -2.27 -6.41 -2.09
N TYR A 10 -1.52 -5.44 -2.62
CA TYR A 10 -0.41 -4.81 -1.93
C TYR A 10 -0.92 -3.67 -1.03
N LYS A 11 -1.10 -3.95 0.26
CA LYS A 11 -1.69 -3.02 1.25
C LYS A 11 -0.68 -2.56 2.31
N CYS A 12 -0.83 -1.32 2.78
CA CYS A 12 -0.03 -0.75 3.86
C CYS A 12 -0.36 -1.42 5.21
N PRO A 13 0.65 -1.75 6.05
CA PRO A 13 0.45 -2.28 7.40
C PRO A 13 -0.04 -1.21 8.40
N GLN A 14 -0.03 0.09 8.04
CA GLN A 14 -0.41 1.21 8.92
C GLN A 14 -1.56 2.07 8.37
N CYS A 15 -1.76 2.13 7.05
CA CYS A 15 -2.82 2.94 6.41
C CYS A 15 -3.92 2.08 5.76
N SER A 16 -4.95 2.75 5.24
CA SER A 16 -5.97 2.18 4.35
C SER A 16 -5.48 2.05 2.88
N TYR A 17 -4.22 2.43 2.61
CA TYR A 17 -3.59 2.41 1.29
C TYR A 17 -3.51 0.99 0.70
N ALA A 18 -3.85 0.88 -0.58
CA ALA A 18 -3.68 -0.34 -1.39
C ALA A 18 -3.26 0.00 -2.83
N SER A 19 -2.48 -0.87 -3.46
CA SER A 19 -2.13 -0.80 -4.90
C SER A 19 -2.09 -2.19 -5.56
N ALA A 20 -2.17 -2.19 -6.90
CA ALA A 20 -1.95 -3.36 -7.75
C ALA A 20 -0.46 -3.62 -8.05
N ILE A 21 0.44 -2.74 -7.60
CA ILE A 21 1.90 -2.80 -7.86
C ILE A 21 2.68 -2.81 -6.53
N LYS A 22 3.56 -3.80 -6.35
CA LYS A 22 4.39 -3.98 -5.14
C LYS A 22 5.38 -2.84 -4.92
N ALA A 23 5.97 -2.32 -6.00
CA ALA A 23 6.88 -1.17 -5.96
C ALA A 23 6.20 0.13 -5.53
N ASN A 24 4.90 0.31 -5.82
CA ASN A 24 4.13 1.47 -5.38
C ASN A 24 3.94 1.45 -3.85
N LEU A 25 3.66 0.26 -3.29
CA LEU A 25 3.65 0.05 -1.83
C LEU A 25 5.05 0.24 -1.22
N ASN A 26 6.13 -0.21 -1.89
CA ASN A 26 7.50 0.00 -1.44
C ASN A 26 7.80 1.51 -1.27
N VAL A 27 7.45 2.35 -2.26
CA VAL A 27 7.57 3.82 -2.16
C VAL A 27 6.67 4.41 -1.07
N HIS A 28 5.45 3.88 -0.87
CA HIS A 28 4.58 4.31 0.22
C HIS A 28 5.19 3.99 1.60
N LEU A 29 5.80 2.81 1.76
CA LEU A 29 6.50 2.40 2.99
C LEU A 29 7.81 3.14 3.21
N ARG A 30 8.48 3.61 2.15
CA ARG A 30 9.70 4.41 2.28
C ARG A 30 9.46 5.73 3.04
N LYS A 31 8.20 6.19 3.10
CA LYS A 31 7.73 7.30 3.95
C LYS A 31 7.54 6.89 5.41
N HIS A 32 7.22 5.62 5.69
CA HIS A 32 7.10 5.08 7.04
C HIS A 32 8.44 4.65 7.67
N THR A 33 9.32 4.00 6.90
CA THR A 33 10.54 3.33 7.41
C THR A 33 11.62 3.12 6.33
N GLY A 34 12.80 2.67 6.74
CA GLY A 34 13.90 2.20 5.88
C GLY A 34 14.74 3.30 5.19
N GLU A 35 14.09 4.29 4.57
CA GLU A 35 14.76 5.37 3.85
C GLU A 35 15.16 6.54 4.78
N LYS A 36 16.28 7.21 4.46
CA LYS A 36 16.88 8.33 5.22
C LYS A 36 17.34 9.45 4.28
ZN ZN B . 1.01 3.68 4.99
N GLY A 1 -13.61 -6.59 4.57
CA GLY A 1 -15.04 -6.21 4.62
C GLY A 1 -15.93 -7.32 4.09
N SER A 2 -17.05 -7.58 4.79
CA SER A 2 -18.01 -8.64 4.44
C SER A 2 -18.76 -8.38 3.12
N SER A 3 -19.18 -9.46 2.45
CA SER A 3 -20.02 -9.43 1.22
C SER A 3 -19.43 -8.58 0.07
N GLY A 4 -18.11 -8.58 -0.09
CA GLY A 4 -17.39 -7.84 -1.14
C GLY A 4 -15.96 -8.37 -1.39
N SER A 5 -15.34 -7.87 -2.47
CA SER A 5 -14.00 -8.27 -2.93
C SER A 5 -12.86 -7.71 -2.06
N SER A 6 -11.69 -8.35 -2.11
CA SER A 6 -10.47 -7.96 -1.38
C SER A 6 -9.70 -6.75 -1.97
N GLY A 7 -10.11 -6.28 -3.15
CA GLY A 7 -9.54 -5.09 -3.82
C GLY A 7 -8.12 -5.30 -4.36
N LYS A 8 -7.36 -4.20 -4.45
CA LYS A 8 -5.92 -4.19 -4.78
C LYS A 8 -5.14 -5.04 -3.75
N PRO A 9 -4.17 -5.87 -4.16
CA PRO A 9 -3.58 -6.88 -3.28
C PRO A 9 -2.59 -6.30 -2.26
N TYR A 10 -1.76 -5.32 -2.64
CA TYR A 10 -0.66 -4.84 -1.82
C TYR A 10 -1.11 -3.73 -0.87
N LYS A 11 -1.54 -4.09 0.35
CA LYS A 11 -1.99 -3.18 1.42
C LYS A 11 -0.83 -2.68 2.28
N CYS A 12 -0.93 -1.43 2.74
CA CYS A 12 -0.06 -0.85 3.76
C CYS A 12 -0.31 -1.52 5.14
N PRO A 13 0.75 -1.81 5.92
CA PRO A 13 0.62 -2.33 7.29
C PRO A 13 0.18 -1.26 8.31
N GLN A 14 0.17 0.03 7.93
CA GLN A 14 -0.20 1.16 8.82
C GLN A 14 -1.41 1.97 8.34
N CYS A 15 -1.68 2.01 7.02
CA CYS A 15 -2.77 2.80 6.42
C CYS A 15 -3.88 1.92 5.79
N SER A 16 -4.94 2.59 5.32
CA SER A 16 -5.98 2.01 4.45
C SER A 16 -5.52 1.95 2.97
N TYR A 17 -4.29 2.38 2.68
CA TYR A 17 -3.67 2.39 1.36
C TYR A 17 -3.54 0.98 0.76
N ALA A 18 -3.85 0.83 -0.52
CA ALA A 18 -3.59 -0.37 -1.30
C ALA A 18 -3.14 -0.03 -2.73
N SER A 19 -2.19 -0.80 -3.26
CA SER A 19 -1.65 -0.65 -4.62
C SER A 19 -1.75 -1.95 -5.43
N ALA A 20 -1.77 -1.85 -6.77
CA ALA A 20 -1.80 -2.98 -7.69
C ALA A 20 -0.38 -3.50 -8.07
N ILE A 21 0.66 -2.82 -7.59
CA ILE A 21 2.08 -3.09 -7.87
C ILE A 21 2.85 -3.04 -6.54
N LYS A 22 3.69 -4.06 -6.26
CA LYS A 22 4.47 -4.16 -5.01
C LYS A 22 5.45 -2.99 -4.84
N ALA A 23 6.04 -2.50 -5.92
CA ALA A 23 6.92 -1.33 -5.91
C ALA A 23 6.20 0.00 -5.60
N ASN A 24 4.90 0.12 -5.89
CA ASN A 24 4.12 1.28 -5.46
C ASN A 24 3.86 1.25 -3.94
N LEU A 25 3.69 0.07 -3.34
CA LEU A 25 3.68 -0.09 -1.89
C LEU A 25 5.08 0.16 -1.28
N ASN A 26 6.14 -0.28 -1.95
CA ASN A 26 7.53 0.00 -1.53
C ASN A 26 7.79 1.51 -1.41
N VAL A 27 7.40 2.32 -2.42
CA VAL A 27 7.48 3.79 -2.36
C VAL A 27 6.61 4.38 -1.24
N HIS A 28 5.41 3.83 -1.02
CA HIS A 28 4.56 4.26 0.09
C HIS A 28 5.19 3.97 1.46
N LEU A 29 5.85 2.82 1.64
CA LEU A 29 6.55 2.43 2.86
C LEU A 29 7.82 3.23 3.12
N ARG A 30 8.48 3.75 2.08
CA ARG A 30 9.68 4.59 2.27
C ARG A 30 9.38 5.85 3.09
N LYS A 31 8.10 6.22 3.23
CA LYS A 31 7.59 7.29 4.10
C LYS A 31 7.34 6.82 5.54
N HIS A 32 7.10 5.51 5.76
CA HIS A 32 7.01 4.90 7.09
C HIS A 32 8.38 4.50 7.68
N THR A 33 9.31 4.05 6.85
CA THR A 33 10.67 3.60 7.23
C THR A 33 11.72 4.73 7.16
N GLY A 34 12.95 4.47 7.62
CA GLY A 34 14.07 5.40 7.52
C GLY A 34 14.01 6.58 8.50
N GLU A 35 14.46 7.75 8.06
CA GLU A 35 14.54 8.98 8.87
C GLU A 35 13.16 9.58 9.24
N LYS A 36 13.13 10.36 10.33
CA LYS A 36 11.93 11.01 10.89
C LYS A 36 12.24 12.44 11.37
ZN ZN B . 1.00 3.61 4.88
N GLY A 1 -20.52 4.05 -1.14
CA GLY A 1 -19.77 3.71 -2.37
C GLY A 1 -18.54 2.86 -2.06
N SER A 2 -18.03 2.17 -3.09
CA SER A 2 -16.86 1.27 -2.97
C SER A 2 -15.55 2.02 -2.67
N SER A 3 -14.63 1.38 -1.94
CA SER A 3 -13.32 1.93 -1.59
C SER A 3 -12.36 1.99 -2.80
N GLY A 4 -11.55 3.05 -2.89
CA GLY A 4 -10.45 3.16 -3.85
C GLY A 4 -9.32 2.13 -3.64
N SER A 5 -9.27 1.48 -2.47
CA SER A 5 -8.34 0.39 -2.15
C SER A 5 -8.91 -1.01 -2.48
N SER A 6 -10.13 -1.11 -3.02
CA SER A 6 -10.74 -2.38 -3.43
C SER A 6 -10.05 -2.98 -4.66
N GLY A 7 -10.01 -4.32 -4.74
CA GLY A 7 -9.42 -5.08 -5.85
C GLY A 7 -7.89 -5.04 -5.96
N LYS A 8 -7.20 -4.52 -4.93
CA LYS A 8 -5.75 -4.28 -4.88
C LYS A 8 -5.10 -5.11 -3.76
N PRO A 9 -4.08 -5.96 -4.03
CA PRO A 9 -3.54 -6.88 -3.03
C PRO A 9 -2.47 -6.27 -2.12
N TYR A 10 -1.68 -5.30 -2.60
CA TYR A 10 -0.55 -4.77 -1.85
C TYR A 10 -1.00 -3.65 -0.89
N LYS A 11 -1.37 -4.03 0.33
CA LYS A 11 -1.84 -3.15 1.42
C LYS A 11 -0.70 -2.60 2.28
N CYS A 12 -0.86 -1.36 2.76
CA CYS A 12 0.00 -0.76 3.78
C CYS A 12 -0.26 -1.41 5.16
N PRO A 13 0.79 -1.71 5.96
CA PRO A 13 0.67 -2.11 7.36
C PRO A 13 0.09 -1.02 8.27
N GLN A 14 0.24 0.25 7.89
CA GLN A 14 -0.06 1.42 8.74
C GLN A 14 -1.34 2.16 8.31
N CYS A 15 -1.66 2.15 7.02
CA CYS A 15 -2.77 2.91 6.41
C CYS A 15 -3.88 2.01 5.84
N SER A 16 -4.94 2.65 5.34
CA SER A 16 -5.98 2.04 4.49
C SER A 16 -5.53 1.89 3.03
N TYR A 17 -4.31 2.32 2.70
CA TYR A 17 -3.71 2.32 1.36
C TYR A 17 -3.57 0.90 0.78
N ALA A 18 -3.88 0.75 -0.51
CA ALA A 18 -3.57 -0.44 -1.30
C ALA A 18 -3.16 -0.06 -2.74
N SER A 19 -2.38 -0.93 -3.40
CA SER A 19 -2.02 -0.80 -4.82
C SER A 19 -2.01 -2.15 -5.54
N ALA A 20 -2.02 -2.10 -6.88
CA ALA A 20 -1.92 -3.27 -7.77
C ALA A 20 -0.46 -3.69 -8.07
N ILE A 21 0.52 -2.91 -7.60
CA ILE A 21 1.96 -3.08 -7.88
C ILE A 21 2.75 -3.02 -6.56
N LYS A 22 3.68 -3.97 -6.35
CA LYS A 22 4.51 -4.05 -5.13
C LYS A 22 5.45 -2.84 -4.97
N ALA A 23 5.99 -2.33 -6.07
CA ALA A 23 6.85 -1.14 -6.08
C ALA A 23 6.13 0.13 -5.62
N ASN A 24 4.83 0.28 -5.92
CA ASN A 24 4.02 1.41 -5.44
C ASN A 24 3.89 1.37 -3.92
N LEU A 25 3.63 0.17 -3.35
CA LEU A 25 3.65 -0.02 -1.89
C LEU A 25 5.04 0.20 -1.30
N ASN A 26 6.12 -0.22 -1.97
CA ASN A 26 7.48 0.02 -1.50
C ASN A 26 7.79 1.52 -1.37
N VAL A 27 7.44 2.35 -2.36
CA VAL A 27 7.57 3.82 -2.27
C VAL A 27 6.68 4.40 -1.18
N HIS A 28 5.47 3.87 -0.99
CA HIS A 28 4.59 4.29 0.10
C HIS A 28 5.18 3.96 1.49
N LEU A 29 5.82 2.79 1.65
CA LEU A 29 6.52 2.38 2.87
C LEU A 29 7.83 3.14 3.11
N ARG A 30 8.48 3.63 2.06
CA ARG A 30 9.70 4.45 2.22
C ARG A 30 9.45 5.72 3.04
N LYS A 31 8.17 6.11 3.21
CA LYS A 31 7.69 7.18 4.10
C LYS A 31 7.44 6.71 5.55
N HIS A 32 7.18 5.40 5.77
CA HIS A 32 7.02 4.79 7.08
C HIS A 32 8.32 4.24 7.70
N THR A 33 9.35 3.95 6.89
CA THR A 33 10.66 3.49 7.36
C THR A 33 11.50 4.61 7.99
N GLY A 34 12.29 4.28 9.01
CA GLY A 34 13.29 5.16 9.64
C GLY A 34 12.76 6.24 10.60
N GLU A 35 11.50 6.67 10.45
CA GLU A 35 10.84 7.67 11.31
C GLU A 35 9.32 7.43 11.44
N LYS A 36 8.73 7.87 12.56
CA LYS A 36 7.31 7.74 12.92
C LYS A 36 6.75 9.04 13.50
ZN ZN B . 0.99 3.72 4.75
N GLY A 1 -19.65 -7.26 1.24
CA GLY A 1 -19.53 -7.03 -0.22
C GLY A 1 -18.73 -8.12 -0.90
N SER A 2 -19.08 -8.45 -2.16
CA SER A 2 -18.39 -9.47 -2.96
C SER A 2 -17.11 -8.95 -3.64
N SER A 3 -16.15 -9.84 -3.89
CA SER A 3 -14.89 -9.55 -4.59
C SER A 3 -15.09 -9.20 -6.07
N GLY A 4 -14.14 -8.46 -6.67
CA GLY A 4 -14.16 -8.07 -8.08
C GLY A 4 -12.85 -7.41 -8.54
N SER A 5 -12.75 -7.15 -9.85
CA SER A 5 -11.52 -6.69 -10.53
C SER A 5 -11.01 -5.30 -10.08
N SER A 6 -11.84 -4.51 -9.40
CA SER A 6 -11.47 -3.21 -8.82
C SER A 6 -10.61 -3.32 -7.55
N GLY A 7 -10.50 -4.50 -6.94
CA GLY A 7 -9.68 -4.77 -5.76
C GLY A 7 -8.16 -4.67 -6.01
N LYS A 8 -7.40 -4.41 -4.94
CA LYS A 8 -5.92 -4.25 -4.94
C LYS A 8 -5.27 -5.20 -3.92
N PRO A 9 -4.25 -5.99 -4.29
CA PRO A 9 -3.69 -7.03 -3.42
C PRO A 9 -2.66 -6.51 -2.41
N TYR A 10 -1.82 -5.54 -2.81
CA TYR A 10 -0.75 -5.01 -1.97
C TYR A 10 -1.31 -3.90 -1.08
N LYS A 11 -1.14 -4.00 0.26
CA LYS A 11 -1.73 -3.06 1.23
C LYS A 11 -0.73 -2.62 2.30
N CYS A 12 -0.86 -1.37 2.76
CA CYS A 12 -0.02 -0.81 3.83
C CYS A 12 -0.32 -1.50 5.19
N PRO A 13 0.71 -1.83 5.99
CA PRO A 13 0.55 -2.37 7.34
C PRO A 13 0.13 -1.29 8.36
N GLN A 14 0.17 0.00 8.00
CA GLN A 14 -0.17 1.13 8.90
C GLN A 14 -1.39 1.96 8.43
N CYS A 15 -1.67 1.99 7.12
CA CYS A 15 -2.77 2.79 6.53
C CYS A 15 -3.88 1.92 5.91
N SER A 16 -4.94 2.58 5.43
CA SER A 16 -5.97 2.01 4.56
C SER A 16 -5.52 1.94 3.08
N TYR A 17 -4.28 2.36 2.78
CA TYR A 17 -3.65 2.41 1.46
C TYR A 17 -3.56 1.02 0.82
N ALA A 18 -3.84 0.95 -0.49
CA ALA A 18 -3.64 -0.22 -1.32
C ALA A 18 -3.12 0.15 -2.72
N SER A 19 -2.33 -0.73 -3.33
CA SER A 19 -1.73 -0.58 -4.66
C SER A 19 -1.85 -1.87 -5.49
N ALA A 20 -1.79 -1.72 -6.82
CA ALA A 20 -1.79 -2.85 -7.78
C ALA A 20 -0.38 -3.37 -8.11
N ILE A 21 0.66 -2.75 -7.54
CA ILE A 21 2.08 -3.05 -7.78
C ILE A 21 2.83 -3.05 -6.43
N LYS A 22 3.69 -4.05 -6.20
CA LYS A 22 4.50 -4.19 -4.97
C LYS A 22 5.51 -3.04 -4.79
N ALA A 23 6.09 -2.55 -5.89
CA ALA A 23 6.96 -1.38 -5.90
C ALA A 23 6.25 -0.09 -5.47
N ASN A 24 4.97 0.07 -5.81
CA ASN A 24 4.16 1.23 -5.43
C ASN A 24 3.88 1.24 -3.91
N LEU A 25 3.67 0.07 -3.30
CA LEU A 25 3.63 -0.10 -1.85
C LEU A 25 5.01 0.15 -1.20
N ASN A 26 6.10 -0.27 -1.84
CA ASN A 26 7.45 0.00 -1.33
C ASN A 26 7.75 1.51 -1.28
N VAL A 27 7.38 2.29 -2.30
CA VAL A 27 7.48 3.76 -2.25
C VAL A 27 6.59 4.37 -1.17
N HIS A 28 5.40 3.80 -0.94
CA HIS A 28 4.54 4.23 0.16
C HIS A 28 5.19 3.94 1.54
N LEU A 29 5.80 2.77 1.71
CA LEU A 29 6.53 2.39 2.93
C LEU A 29 7.82 3.17 3.14
N ARG A 30 8.47 3.63 2.05
CA ARG A 30 9.67 4.46 2.15
C ARG A 30 9.41 5.78 2.91
N LYS A 31 8.14 6.18 3.06
CA LYS A 31 7.67 7.29 3.90
C LYS A 31 7.44 6.87 5.37
N HIS A 32 7.14 5.60 5.65
CA HIS A 32 7.06 5.05 7.01
C HIS A 32 8.44 4.68 7.61
N THR A 33 9.39 4.22 6.79
CA THR A 33 10.75 3.82 7.20
C THR A 33 11.74 5.01 7.20
N GLY A 34 12.97 4.77 7.64
CA GLY A 34 14.05 5.76 7.72
C GLY A 34 14.14 6.51 9.06
N GLU A 35 15.01 7.52 9.11
CA GLU A 35 15.29 8.31 10.33
C GLU A 35 14.16 9.29 10.70
N LYS A 36 14.08 9.64 12.00
CA LYS A 36 13.10 10.59 12.57
C LYS A 36 13.49 12.04 12.32
ZN ZN B . 1.01 3.63 4.99
N GLY A 1 -22.32 3.80 -11.16
CA GLY A 1 -21.26 2.81 -11.42
C GLY A 1 -20.32 2.66 -10.23
N SER A 2 -19.57 1.55 -10.18
CA SER A 2 -18.62 1.23 -9.11
C SER A 2 -17.39 2.17 -9.09
N SER A 3 -16.78 2.36 -7.91
CA SER A 3 -15.64 3.26 -7.68
C SER A 3 -14.31 2.77 -8.30
N GLY A 4 -14.23 1.50 -8.72
CA GLY A 4 -13.09 0.89 -9.40
C GLY A 4 -13.44 -0.48 -10.01
N SER A 5 -12.56 -0.98 -10.88
CA SER A 5 -12.77 -2.24 -11.62
C SER A 5 -12.47 -3.51 -10.81
N SER A 6 -11.52 -3.45 -9.87
CA SER A 6 -11.14 -4.54 -8.94
C SER A 6 -10.45 -4.01 -7.68
N GLY A 7 -10.63 -4.72 -6.57
CA GLY A 7 -9.88 -4.49 -5.32
C GLY A 7 -8.39 -4.82 -5.45
N LYS A 8 -7.55 -4.21 -4.60
CA LYS A 8 -6.08 -4.24 -4.72
C LYS A 8 -5.42 -5.30 -3.82
N PRO A 9 -4.33 -5.94 -4.29
CA PRO A 9 -3.62 -6.98 -3.55
C PRO A 9 -2.63 -6.45 -2.50
N TYR A 10 -1.75 -5.50 -2.86
CA TYR A 10 -0.67 -5.02 -1.99
C TYR A 10 -1.17 -3.89 -1.08
N LYS A 11 -1.01 -4.01 0.25
CA LYS A 11 -1.63 -3.11 1.24
C LYS A 11 -0.64 -2.64 2.32
N CYS A 12 -0.81 -1.40 2.78
CA CYS A 12 0.00 -0.82 3.86
C CYS A 12 -0.32 -1.49 5.22
N PRO A 13 0.70 -1.80 6.06
CA PRO A 13 0.51 -2.31 7.42
C PRO A 13 0.07 -1.21 8.41
N GLN A 14 0.12 0.07 8.03
CA GLN A 14 -0.23 1.21 8.91
C GLN A 14 -1.43 2.04 8.40
N CYS A 15 -1.71 2.05 7.09
CA CYS A 15 -2.79 2.83 6.46
C CYS A 15 -3.89 1.96 5.83
N SER A 16 -4.93 2.62 5.32
CA SER A 16 -5.94 2.04 4.43
C SER A 16 -5.46 1.94 2.96
N TYR A 17 -4.21 2.38 2.68
CA TYR A 17 -3.59 2.39 1.36
C TYR A 17 -3.45 0.98 0.78
N ALA A 18 -3.80 0.83 -0.50
CA ALA A 18 -3.54 -0.37 -1.30
C ALA A 18 -3.26 -0.03 -2.78
N SER A 19 -2.44 -0.84 -3.46
CA SER A 19 -2.09 -0.71 -4.88
C SER A 19 -1.97 -2.05 -5.60
N ALA A 20 -2.01 -2.03 -6.94
CA ALA A 20 -1.87 -3.20 -7.82
C ALA A 20 -0.41 -3.61 -8.10
N ILE A 21 0.57 -2.84 -7.60
CA ILE A 21 2.01 -3.02 -7.85
C ILE A 21 2.78 -3.00 -6.53
N LYS A 22 3.68 -3.97 -6.32
CA LYS A 22 4.50 -4.10 -5.11
C LYS A 22 5.48 -2.94 -4.91
N ALA A 23 6.01 -2.39 -6.02
CA ALA A 23 6.89 -1.21 -6.01
C ALA A 23 6.18 0.06 -5.51
N ASN A 24 4.89 0.24 -5.81
CA ASN A 24 4.10 1.37 -5.33
C ASN A 24 3.96 1.32 -3.80
N LEU A 25 3.70 0.13 -3.23
CA LEU A 25 3.70 -0.08 -1.79
C LEU A 25 5.08 0.13 -1.17
N ASN A 26 6.16 -0.28 -1.83
CA ASN A 26 7.53 -0.02 -1.34
C ASN A 26 7.81 1.48 -1.24
N VAL A 27 7.45 2.29 -2.25
CA VAL A 27 7.57 3.76 -2.18
C VAL A 27 6.67 4.35 -1.09
N HIS A 28 5.47 3.82 -0.88
CA HIS A 28 4.60 4.24 0.22
C HIS A 28 5.22 3.93 1.59
N LEU A 29 5.84 2.76 1.75
CA LEU A 29 6.55 2.36 2.99
C LEU A 29 7.84 3.14 3.21
N ARG A 30 8.51 3.59 2.15
CA ARG A 30 9.72 4.41 2.30
C ARG A 30 9.44 5.69 3.09
N LYS A 31 8.18 6.16 3.10
CA LYS A 31 7.70 7.28 3.93
C LYS A 31 7.45 6.88 5.39
N HIS A 32 7.14 5.61 5.66
CA HIS A 32 7.04 5.06 7.02
C HIS A 32 8.41 4.71 7.63
N THR A 33 9.41 4.31 6.83
CA THR A 33 10.73 3.84 7.30
C THR A 33 11.84 4.89 7.22
N GLY A 34 11.75 5.86 6.31
CA GLY A 34 12.79 6.87 6.05
C GLY A 34 12.86 8.04 7.05
N GLU A 35 11.87 8.17 7.94
CA GLU A 35 11.79 9.23 8.96
C GLU A 35 11.08 8.76 10.26
N LYS A 36 11.25 9.54 11.34
CA LYS A 36 10.69 9.31 12.69
C LYS A 36 10.99 7.89 13.24
ZN ZN B . 1.01 3.64 4.98
N GLY A 1 -20.72 -14.87 1.89
CA GLY A 1 -21.07 -13.53 1.38
C GLY A 1 -20.70 -12.44 2.38
N SER A 2 -21.47 -11.35 2.41
CA SER A 2 -21.33 -10.21 3.34
C SER A 2 -19.94 -9.52 3.35
N SER A 3 -19.22 -9.58 2.22
CA SER A 3 -17.89 -8.98 2.01
C SER A 3 -17.65 -8.65 0.54
N GLY A 4 -16.64 -7.81 0.25
CA GLY A 4 -16.27 -7.40 -1.11
C GLY A 4 -15.74 -8.56 -1.98
N SER A 5 -16.12 -8.59 -3.25
CA SER A 5 -15.76 -9.66 -4.21
C SER A 5 -14.41 -9.46 -4.91
N SER A 6 -13.84 -8.26 -4.86
CA SER A 6 -12.55 -7.90 -5.47
C SER A 6 -11.86 -6.75 -4.72
N GLY A 7 -10.55 -6.60 -4.91
CA GLY A 7 -9.73 -5.55 -4.30
C GLY A 7 -8.24 -5.62 -4.69
N LYS A 8 -7.46 -4.62 -4.27
CA LYS A 8 -6.00 -4.54 -4.52
C LYS A 8 -5.22 -5.57 -3.68
N PRO A 9 -4.13 -6.16 -4.22
CA PRO A 9 -3.31 -7.14 -3.53
C PRO A 9 -2.35 -6.54 -2.50
N TYR A 10 -1.63 -5.46 -2.85
CA TYR A 10 -0.59 -4.87 -2.00
C TYR A 10 -1.19 -3.79 -1.10
N LYS A 11 -1.07 -3.93 0.23
CA LYS A 11 -1.72 -3.08 1.24
C LYS A 11 -0.73 -2.60 2.31
N CYS A 12 -0.87 -1.35 2.76
CA CYS A 12 -0.05 -0.78 3.83
C CYS A 12 -0.38 -1.45 5.19
N PRO A 13 0.63 -1.79 6.01
CA PRO A 13 0.44 -2.32 7.37
C PRO A 13 0.00 -1.22 8.37
N GLN A 14 0.07 0.06 7.99
CA GLN A 14 -0.20 1.21 8.86
C GLN A 14 -1.36 2.10 8.39
N CYS A 15 -1.68 2.11 7.08
CA CYS A 15 -2.74 2.91 6.47
C CYS A 15 -3.86 2.05 5.84
N SER A 16 -4.90 2.74 5.34
CA SER A 16 -5.93 2.17 4.45
C SER A 16 -5.46 2.08 2.98
N TYR A 17 -4.21 2.50 2.70
CA TYR A 17 -3.59 2.53 1.37
C TYR A 17 -3.46 1.12 0.75
N ALA A 18 -3.78 1.01 -0.54
CA ALA A 18 -3.52 -0.18 -1.35
C ALA A 18 -3.15 0.16 -2.80
N SER A 19 -2.37 -0.71 -3.45
CA SER A 19 -2.03 -0.65 -4.88
C SER A 19 -1.97 -2.03 -5.56
N ALA A 20 -1.98 -2.04 -6.89
CA ALA A 20 -1.88 -3.24 -7.73
C ALA A 20 -0.43 -3.66 -8.05
N ILE A 21 0.57 -2.90 -7.58
CA ILE A 21 2.00 -3.09 -7.85
C ILE A 21 2.80 -3.04 -6.53
N LYS A 22 3.73 -3.98 -6.32
CA LYS A 22 4.58 -4.06 -5.12
C LYS A 22 5.48 -2.84 -4.94
N ALA A 23 6.05 -2.32 -6.02
CA ALA A 23 6.90 -1.13 -6.03
C ALA A 23 6.16 0.15 -5.55
N ASN A 24 4.86 0.28 -5.87
CA ASN A 24 4.04 1.40 -5.39
C ASN A 24 3.89 1.35 -3.86
N LEU A 25 3.65 0.16 -3.29
CA LEU A 25 3.64 -0.05 -1.84
C LEU A 25 5.03 0.17 -1.22
N ASN A 26 6.11 -0.25 -1.88
CA ASN A 26 7.48 0.00 -1.40
C ASN A 26 7.77 1.50 -1.27
N VAL A 27 7.43 2.31 -2.27
CA VAL A 27 7.55 3.78 -2.20
C VAL A 27 6.65 4.38 -1.12
N HIS A 28 5.44 3.85 -0.93
CA HIS A 28 4.57 4.28 0.17
C HIS A 28 5.18 3.97 1.55
N LEU A 29 5.77 2.78 1.72
CA LEU A 29 6.47 2.37 2.95
C LEU A 29 7.74 3.15 3.20
N ARG A 30 8.45 3.61 2.16
CA ARG A 30 9.66 4.41 2.35
C ARG A 30 9.39 5.69 3.16
N LYS A 31 8.13 6.16 3.16
CA LYS A 31 7.64 7.28 3.98
C LYS A 31 7.37 6.89 5.44
N HIS A 32 7.16 5.60 5.73
CA HIS A 32 7.12 5.07 7.10
C HIS A 32 8.51 4.65 7.63
N THR A 33 9.33 3.99 6.80
CA THR A 33 10.58 3.34 7.21
C THR A 33 11.79 4.29 7.15
N GLY A 34 12.07 4.86 5.98
CA GLY A 34 13.26 5.70 5.74
C GLY A 34 13.08 7.17 6.15
N GLU A 35 11.93 7.77 5.86
CA GLU A 35 11.64 9.16 6.20
C GLU A 35 11.22 9.32 7.68
N LYS A 36 12.09 9.94 8.48
CA LYS A 36 11.92 10.22 9.92
C LYS A 36 12.51 11.60 10.30
ZN ZN B . 1.05 3.66 4.97
#